data_1XKL
#
_entry.id   1XKL
#
_cell.length_a   136.457
_cell.length_b   167.773
_cell.length_c   44.831
_cell.angle_alpha   90.00
_cell.angle_beta   90.00
_cell.angle_gamma   90.00
#
_symmetry.space_group_name_H-M   'P 21 21 2'
#
loop_
_entity.id
_entity.type
_entity.pdbx_description
1 polymer 'salicylic acid-binding protein 2'
2 non-polymer 2-AMINO-4H-1,3-BENZOXATHIIN-4-OL
3 water water
#
_entity_poly.entity_id   1
_entity_poly.type   'polypeptide(L)'
_entity_poly.pdbx_seq_one_letter_code
;MKEGKHFVLVHGACHGGWSWYKLKPLLEAAGHKVTALDLAASGTDLRKIEELRTLYDYTLPL(MSE)EL(MSE)ESLSAD
EKVILVGHSLGG(MSE)NLGLA(MSE)EKYPQKIYAAVFLAAF(MSE)PDSVHNSSFVLEQYNERTPAENWLDTQFLPYG
SPEEPLTS(MSE)FFGPKFLAHKLYQLCSPEDLALASSLVRPSSLF(MSE)EDLSKAKYFTDERFGSVKRVYIVCTEDKG
IPEEFQRWQIDNIGVTEAIEIKGADH(MSE)A(MSE)LCEPQKLCASLLEIAHKYNMAGDPLEHHHHHH
;
_entity_poly.pdbx_strand_id   A,B,C,D
#
loop_
_chem_comp.id
_chem_comp.type
_chem_comp.name
_chem_comp.formula
STH non-polymer 2-AMINO-4H-1,3-BENZOXATHIIN-4-OL 'C8 H9 N O2 S'
#
# COMPACT_ATOMS: atom_id res chain seq x y z
N GLU A 3 -26.80 -29.86 -37.45
CA GLU A 3 -26.98 -28.44 -37.01
C GLU A 3 -25.90 -28.02 -36.04
N GLY A 4 -25.06 -28.98 -35.64
CA GLY A 4 -23.99 -28.69 -34.70
C GLY A 4 -24.50 -28.78 -33.27
N LYS A 5 -23.73 -29.41 -32.39
CA LYS A 5 -24.16 -29.56 -30.99
C LYS A 5 -23.67 -28.43 -30.08
N HIS A 6 -24.17 -28.44 -28.85
CA HIS A 6 -23.80 -27.42 -27.88
C HIS A 6 -22.80 -27.97 -26.86
N PHE A 7 -21.59 -27.45 -26.90
CA PHE A 7 -20.52 -27.84 -25.99
C PHE A 7 -20.46 -26.89 -24.79
N VAL A 8 -20.61 -27.45 -23.59
CA VAL A 8 -20.55 -26.68 -22.37
C VAL A 8 -19.21 -27.00 -21.72
N LEU A 9 -18.32 -26.03 -21.73
CA LEU A 9 -16.98 -26.21 -21.19
C LEU A 9 -16.87 -25.70 -19.75
N VAL A 10 -16.45 -26.60 -18.87
CA VAL A 10 -16.34 -26.28 -17.45
C VAL A 10 -14.89 -26.39 -16.99
N HIS A 11 -14.35 -25.23 -16.61
CA HIS A 11 -12.97 -25.12 -16.15
C HIS A 11 -12.71 -25.77 -14.79
N GLY A 12 -11.43 -25.87 -14.44
CA GLY A 12 -11.04 -26.46 -13.17
C GLY A 12 -10.82 -25.40 -12.10
N ALA A 13 -10.26 -25.80 -10.97
CA ALA A 13 -10.02 -24.90 -9.86
C ALA A 13 -8.99 -23.81 -10.14
N CYS A 14 -9.28 -22.62 -9.65
CA CYS A 14 -8.41 -21.47 -9.81
C CYS A 14 -8.38 -20.95 -11.25
N HIS A 15 -9.16 -21.56 -12.14
CA HIS A 15 -9.20 -21.12 -13.53
C HIS A 15 -10.56 -20.52 -13.91
N GLY A 16 -10.79 -20.32 -15.20
CA GLY A 16 -12.06 -19.75 -15.65
C GLY A 16 -12.36 -20.04 -17.11
N GLY A 17 -13.47 -19.51 -17.63
CA GLY A 17 -13.81 -19.73 -19.02
C GLY A 17 -12.66 -19.40 -19.96
N TRP A 18 -11.85 -18.44 -19.56
CA TRP A 18 -10.72 -18.02 -20.37
C TRP A 18 -9.77 -19.16 -20.76
N SER A 19 -9.67 -20.19 -19.91
CA SER A 19 -8.77 -21.29 -20.21
C SER A 19 -9.09 -22.01 -21.50
N TRP A 20 -10.34 -21.92 -21.94
CA TRP A 20 -10.77 -22.58 -23.17
C TRP A 20 -10.63 -21.70 -24.41
N TYR A 21 -9.90 -20.58 -24.30
CA TYR A 21 -9.80 -19.68 -25.45
C TYR A 21 -9.22 -20.26 -26.73
N LYS A 22 -8.32 -21.24 -26.62
CA LYS A 22 -7.74 -21.86 -27.81
C LYS A 22 -8.66 -22.94 -28.37
N LEU A 23 -9.39 -23.62 -27.50
CA LEU A 23 -10.31 -24.68 -27.95
C LEU A 23 -11.60 -24.15 -28.54
N LYS A 24 -12.19 -23.14 -27.90
CA LYS A 24 -13.46 -22.58 -28.33
C LYS A 24 -13.60 -22.31 -29.83
N PRO A 25 -12.65 -21.57 -30.42
CA PRO A 25 -12.70 -21.26 -31.86
C PRO A 25 -12.74 -22.54 -32.71
N LEU A 26 -11.99 -23.56 -32.29
CA LEU A 26 -11.93 -24.82 -33.02
C LEU A 26 -13.28 -25.51 -33.10
N LEU A 27 -13.98 -25.56 -31.97
CA LEU A 27 -15.29 -26.19 -31.94
C LEU A 27 -16.30 -25.39 -32.75
N GLU A 28 -16.22 -24.07 -32.68
CA GLU A 28 -17.14 -23.22 -33.42
C GLU A 28 -16.84 -23.33 -34.91
N ALA A 29 -15.56 -23.47 -35.26
CA ALA A 29 -15.18 -23.60 -36.65
C ALA A 29 -15.85 -24.86 -37.22
N ALA A 30 -16.06 -25.85 -36.36
CA ALA A 30 -16.68 -27.11 -36.79
C ALA A 30 -18.20 -26.97 -36.90
N GLY A 31 -18.70 -25.76 -36.65
CA GLY A 31 -20.12 -25.49 -36.74
C GLY A 31 -20.89 -25.77 -35.47
N HIS A 32 -20.18 -25.88 -34.36
CA HIS A 32 -20.81 -26.15 -33.07
C HIS A 32 -20.88 -24.90 -32.20
N LYS A 33 -21.84 -24.91 -31.28
CA LYS A 33 -22.03 -23.81 -30.34
C LYS A 33 -21.21 -24.15 -29.10
N VAL A 34 -20.57 -23.14 -28.52
CA VAL A 34 -19.73 -23.35 -27.34
C VAL A 34 -20.00 -22.34 -26.23
N THR A 35 -20.04 -22.83 -25.00
CA THR A 35 -20.23 -21.95 -23.85
C THR A 35 -19.10 -22.22 -22.86
N ALA A 36 -18.18 -21.28 -22.73
CA ALA A 36 -17.07 -21.42 -21.78
C ALA A 36 -17.43 -20.53 -20.61
N LEU A 37 -18.29 -21.02 -19.74
CA LEU A 37 -18.72 -20.21 -18.62
C LEU A 37 -17.70 -20.08 -17.51
N ASP A 38 -17.99 -19.15 -16.60
CA ASP A 38 -17.17 -18.89 -15.45
C ASP A 38 -17.95 -19.45 -14.27
N LEU A 39 -17.34 -20.30 -13.46
CA LEU A 39 -18.05 -20.81 -12.31
C LEU A 39 -18.05 -19.68 -11.28
N ALA A 40 -18.65 -19.90 -10.12
CA ALA A 40 -18.69 -18.88 -9.09
C ALA A 40 -17.28 -18.50 -8.63
N ALA A 41 -17.08 -17.20 -8.40
CA ALA A 41 -15.79 -16.66 -7.94
C ALA A 41 -14.62 -17.04 -8.83
N SER A 42 -14.91 -17.31 -10.10
CA SER A 42 -13.88 -17.69 -11.07
C SER A 42 -13.94 -16.77 -12.28
N GLY A 43 -12.79 -16.61 -12.93
CA GLY A 43 -12.73 -15.75 -14.11
C GLY A 43 -13.07 -14.33 -13.73
N THR A 44 -14.11 -13.78 -14.35
CA THR A 44 -14.52 -12.41 -14.05
C THR A 44 -15.71 -12.34 -13.09
N ASP A 45 -16.12 -13.50 -12.56
CA ASP A 45 -17.23 -13.53 -11.60
C ASP A 45 -16.81 -12.69 -10.40
N LEU A 46 -17.69 -11.79 -9.98
CA LEU A 46 -17.41 -10.89 -8.86
C LEU A 46 -17.52 -11.49 -7.46
N ARG A 47 -18.03 -12.71 -7.35
CA ARG A 47 -18.13 -13.35 -6.04
C ARG A 47 -16.73 -13.73 -5.56
N LYS A 48 -16.57 -13.78 -4.24
CA LYS A 48 -15.30 -14.14 -3.61
C LYS A 48 -15.38 -15.57 -3.11
N ILE A 49 -14.23 -16.25 -3.07
CA ILE A 49 -14.18 -17.63 -2.63
C ILE A 49 -14.74 -17.82 -1.22
N GLU A 50 -14.59 -16.80 -0.37
CA GLU A 50 -15.09 -16.87 1.01
C GLU A 50 -16.62 -16.89 1.08
N GLU A 51 -17.27 -16.61 -0.03
CA GLU A 51 -18.74 -16.62 -0.06
C GLU A 51 -19.27 -17.99 -0.43
N LEU A 52 -18.37 -18.89 -0.83
CA LEU A 52 -18.79 -20.24 -1.23
C LEU A 52 -18.42 -21.25 -0.17
N ARG A 53 -19.39 -22.03 0.27
CA ARG A 53 -19.09 -23.03 1.29
C ARG A 53 -19.44 -24.45 0.84
N THR A 54 -20.10 -24.59 -0.30
CA THR A 54 -20.46 -25.91 -0.83
C THR A 54 -20.19 -25.97 -2.34
N LEU A 55 -20.04 -27.19 -2.86
CA LEU A 55 -19.79 -27.34 -4.29
C LEU A 55 -20.98 -26.77 -5.06
N TYR A 56 -22.16 -26.87 -4.48
CA TYR A 56 -23.36 -26.35 -5.13
C TYR A 56 -23.29 -24.84 -5.39
N ASP A 57 -22.79 -24.07 -4.41
CA ASP A 57 -22.68 -22.62 -4.57
C ASP A 57 -21.68 -22.30 -5.69
N TYR A 58 -20.63 -23.10 -5.76
CA TYR A 58 -19.57 -22.92 -6.75
C TYR A 58 -20.05 -23.27 -8.16
N THR A 59 -20.97 -24.23 -8.25
CA THR A 59 -21.51 -24.70 -9.53
C THR A 59 -22.74 -23.93 -10.00
N LEU A 60 -23.22 -23.01 -9.18
CA LEU A 60 -24.40 -22.24 -9.51
C LEU A 60 -24.49 -21.79 -10.97
N PRO A 61 -23.43 -21.17 -11.51
CA PRO A 61 -23.49 -20.73 -12.91
C PRO A 61 -23.86 -21.85 -13.88
N LEU A 62 -23.26 -23.02 -13.69
CA LEU A 62 -23.55 -24.16 -14.55
C LEU A 62 -25.00 -24.59 -14.41
N MSE A 63 -25.48 -24.61 -13.17
CA MSE A 63 -26.86 -25.01 -12.95
C MSE A 63 -27.81 -24.04 -13.65
O MSE A 63 -28.80 -24.44 -14.26
CB MSE A 63 -27.18 -25.07 -11.44
CG MSE A 63 -26.24 -25.97 -10.65
SE MSE A 63 -26.17 -27.79 -11.34
CE MSE A 63 -27.99 -28.30 -10.98
N GLU A 64 -27.50 -22.75 -13.57
CA GLU A 64 -28.33 -21.72 -14.20
C GLU A 64 -28.38 -21.90 -15.72
N LEU A 65 -27.25 -22.28 -16.29
CA LEU A 65 -27.16 -22.49 -17.73
C LEU A 65 -27.99 -23.70 -18.14
N MSE A 66 -27.86 -24.79 -17.37
CA MSE A 66 -28.61 -26.01 -17.67
C MSE A 66 -30.10 -25.77 -17.58
O MSE A 66 -30.87 -26.37 -18.33
CB MSE A 66 -28.19 -27.13 -16.71
CG MSE A 66 -26.74 -27.55 -16.83
SE MSE A 66 -26.31 -28.26 -18.59
CE MSE A 66 -27.30 -29.93 -18.46
N GLU A 67 -30.52 -24.91 -16.65
CA GLU A 67 -31.92 -24.59 -16.44
C GLU A 67 -32.53 -23.86 -17.63
N SER A 68 -31.71 -23.16 -18.39
CA SER A 68 -32.19 -22.41 -19.54
C SER A 68 -32.20 -23.23 -20.82
N LEU A 69 -31.79 -24.49 -20.73
CA LEU A 69 -31.79 -25.36 -21.90
C LEU A 69 -33.22 -25.79 -22.16
N SER A 70 -33.56 -25.82 -23.44
CA SER A 70 -34.89 -26.16 -23.92
C SER A 70 -35.35 -27.59 -23.70
N ALA A 71 -34.46 -28.45 -23.22
CA ALA A 71 -34.82 -29.85 -22.99
C ALA A 71 -34.86 -30.58 -24.34
N ASP A 72 -35.22 -29.86 -25.40
CA ASP A 72 -35.23 -30.44 -26.73
C ASP A 72 -33.85 -30.11 -27.29
N GLU A 73 -33.11 -29.36 -26.47
CA GLU A 73 -31.76 -28.93 -26.80
C GLU A 73 -30.80 -29.59 -25.81
N LYS A 74 -30.12 -30.63 -26.25
CA LYS A 74 -29.17 -31.34 -25.39
C LYS A 74 -27.77 -30.77 -25.56
N VAL A 75 -26.88 -31.04 -24.61
CA VAL A 75 -25.53 -30.53 -24.69
C VAL A 75 -24.48 -31.60 -24.40
N ILE A 76 -23.23 -31.23 -24.60
CA ILE A 76 -22.11 -32.11 -24.33
C ILE A 76 -21.29 -31.38 -23.27
N LEU A 77 -21.22 -31.97 -22.09
CA LEU A 77 -20.48 -31.38 -20.99
C LEU A 77 -19.01 -31.80 -21.01
N VAL A 78 -18.13 -30.82 -20.87
CA VAL A 78 -16.71 -31.10 -20.84
C VAL A 78 -16.16 -30.46 -19.57
N GLY A 79 -15.73 -31.30 -18.64
CA GLY A 79 -15.20 -30.84 -17.38
C GLY A 79 -13.72 -31.09 -17.25
N HIS A 80 -12.99 -30.05 -16.89
CA HIS A 80 -11.55 -30.15 -16.73
C HIS A 80 -11.15 -30.05 -15.26
N SER A 81 -10.21 -30.90 -14.86
CA SER A 81 -9.75 -30.92 -13.58
C SER A 81 -10.90 -31.00 -12.55
N LEU A 82 -10.99 -30.05 -11.61
CA LEU A 82 -12.04 -30.02 -10.59
C LEU A 82 -13.40 -29.85 -11.24
N GLY A 83 -13.40 -29.47 -12.52
CA GLY A 83 -14.64 -29.26 -13.24
C GLY A 83 -15.48 -30.51 -13.34
N GLY A 84 -14.81 -31.66 -13.25
CA GLY A 84 -15.51 -32.92 -13.30
C GLY A 84 -16.48 -33.06 -12.14
N MSE A 85 -16.16 -32.44 -11.01
CA MSE A 85 -17.06 -32.50 -9.86
C MSE A 85 -18.28 -31.63 -10.15
O MSE A 85 -19.40 -31.99 -9.78
CB MSE A 85 -16.36 -32.02 -8.58
CG MSE A 85 -15.16 -32.86 -8.14
SE MSE A 85 -15.60 -34.72 -7.76
CE MSE A 85 -16.86 -34.43 -6.32
N ASN A 86 -18.07 -30.50 -10.82
CA ASN A 86 -19.16 -29.59 -11.17
C ASN A 86 -20.10 -30.30 -12.15
N LEU A 87 -19.50 -31.05 -13.06
CA LEU A 87 -20.27 -31.79 -14.05
C LEU A 87 -21.25 -32.74 -13.36
N GLY A 88 -20.82 -33.34 -12.27
CA GLY A 88 -21.66 -34.28 -11.55
C GLY A 88 -22.99 -33.73 -11.10
N LEU A 89 -22.99 -32.49 -10.64
CA LEU A 89 -24.24 -31.88 -10.18
C LEU A 89 -25.17 -31.66 -11.37
N ALA A 90 -24.61 -31.30 -12.52
CA ALA A 90 -25.43 -31.07 -13.70
C ALA A 90 -26.04 -32.38 -14.19
N MSE A 91 -25.23 -33.44 -14.18
CA MSE A 91 -25.67 -34.77 -14.60
C MSE A 91 -26.72 -35.29 -13.63
O MSE A 91 -27.63 -36.01 -14.02
CB MSE A 91 -24.48 -35.73 -14.63
CG MSE A 91 -23.39 -35.33 -15.60
SE MSE A 91 -21.59 -35.92 -15.15
CE MSE A 91 -21.76 -37.82 -15.51
N GLU A 92 -26.60 -34.92 -12.36
CA GLU A 92 -27.56 -35.39 -11.36
C GLU A 92 -28.91 -34.70 -11.53
N LYS A 93 -28.88 -33.40 -11.82
CA LYS A 93 -30.10 -32.62 -11.98
C LYS A 93 -30.75 -32.62 -13.36
N TYR A 94 -29.93 -32.69 -14.40
CA TYR A 94 -30.44 -32.67 -15.78
C TYR A 94 -29.80 -33.79 -16.60
N PRO A 95 -29.96 -35.05 -16.16
CA PRO A 95 -29.38 -36.17 -16.89
C PRO A 95 -29.84 -36.33 -18.33
N GLN A 96 -31.12 -36.04 -18.58
CA GLN A 96 -31.67 -36.21 -19.92
C GLN A 96 -31.34 -35.10 -20.92
N LYS A 97 -30.59 -34.10 -20.48
CA LYS A 97 -30.22 -33.02 -21.38
C LYS A 97 -28.74 -33.07 -21.73
N ILE A 98 -28.14 -34.24 -21.53
CA ILE A 98 -26.73 -34.41 -21.80
C ILE A 98 -26.42 -35.65 -22.64
N TYR A 99 -25.84 -35.44 -23.83
CA TYR A 99 -25.49 -36.54 -24.71
C TYR A 99 -24.42 -37.39 -24.04
N ALA A 100 -23.46 -36.72 -23.43
CA ALA A 100 -22.36 -37.40 -22.77
C ALA A 100 -21.60 -36.40 -21.93
N ALA A 101 -20.89 -36.92 -20.93
CA ALA A 101 -20.09 -36.10 -20.05
C ALA A 101 -18.63 -36.48 -20.28
N VAL A 102 -17.82 -35.49 -20.60
CA VAL A 102 -16.41 -35.72 -20.86
C VAL A 102 -15.55 -35.19 -19.71
N PHE A 103 -14.71 -36.06 -19.18
CA PHE A 103 -13.82 -35.71 -18.07
C PHE A 103 -12.40 -35.62 -18.57
N LEU A 104 -11.93 -34.39 -18.76
CA LEU A 104 -10.57 -34.15 -19.24
C LEU A 104 -9.64 -34.01 -18.05
N ALA A 105 -8.79 -35.02 -17.84
CA ALA A 105 -7.84 -35.03 -16.74
C ALA A 105 -8.55 -34.41 -15.53
N ALA A 106 -9.76 -34.87 -15.29
CA ALA A 106 -10.60 -34.37 -14.22
C ALA A 106 -10.78 -35.34 -13.06
N PHE A 107 -11.55 -34.87 -12.08
CA PHE A 107 -11.90 -35.68 -10.94
C PHE A 107 -13.29 -36.16 -11.32
N MSE A 108 -13.44 -37.48 -11.42
CA MSE A 108 -14.72 -38.07 -11.79
C MSE A 108 -15.29 -38.84 -10.61
O MSE A 108 -14.73 -39.85 -10.20
CB MSE A 108 -14.50 -39.01 -12.99
CG MSE A 108 -15.77 -39.63 -13.54
SE MSE A 108 -15.34 -40.75 -15.03
CE MSE A 108 -14.24 -42.04 -14.07
N PRO A 109 -16.40 -38.35 -10.04
CA PRO A 109 -17.06 -38.95 -8.88
C PRO A 109 -17.87 -40.20 -9.25
N ASP A 110 -18.49 -40.80 -8.23
CA ASP A 110 -19.36 -41.94 -8.41
C ASP A 110 -20.56 -41.75 -7.49
N SER A 111 -21.44 -42.74 -7.43
CA SER A 111 -22.63 -42.66 -6.59
C SER A 111 -22.49 -43.50 -5.32
N VAL A 112 -21.65 -44.52 -5.38
CA VAL A 112 -21.41 -45.43 -4.27
C VAL A 112 -20.73 -44.85 -3.03
N HIS A 113 -19.58 -44.21 -3.23
CA HIS A 113 -18.82 -43.63 -2.11
C HIS A 113 -19.23 -42.21 -1.74
N ASN A 114 -18.59 -41.67 -0.70
CA ASN A 114 -18.85 -40.30 -0.27
C ASN A 114 -18.48 -39.41 -1.46
N SER A 115 -19.16 -38.28 -1.61
CA SER A 115 -18.91 -37.39 -2.72
C SER A 115 -17.45 -36.92 -2.80
N SER A 116 -16.76 -36.92 -1.66
CA SER A 116 -15.37 -36.52 -1.61
C SER A 116 -14.41 -37.66 -1.92
N PHE A 117 -14.95 -38.86 -2.15
CA PHE A 117 -14.13 -40.03 -2.44
C PHE A 117 -12.92 -39.80 -3.35
N VAL A 118 -13.15 -39.36 -4.60
CA VAL A 118 -12.02 -39.16 -5.51
C VAL A 118 -11.04 -38.10 -5.04
N LEU A 119 -11.53 -37.10 -4.31
CA LEU A 119 -10.65 -36.05 -3.81
C LEU A 119 -9.79 -36.61 -2.68
N GLU A 120 -10.39 -37.46 -1.85
CA GLU A 120 -9.69 -38.09 -0.73
C GLU A 120 -8.64 -39.05 -1.27
N GLN A 121 -9.00 -39.82 -2.28
CA GLN A 121 -8.06 -40.76 -2.86
C GLN A 121 -6.91 -40.00 -3.49
N TYR A 122 -7.22 -38.99 -4.30
CA TYR A 122 -6.18 -38.17 -4.95
C TYR A 122 -5.13 -37.74 -3.91
N ASN A 123 -5.60 -37.15 -2.81
CA ASN A 123 -4.70 -36.67 -1.78
C ASN A 123 -3.90 -37.77 -1.10
N GLU A 124 -4.49 -38.95 -0.99
CA GLU A 124 -3.81 -40.08 -0.36
C GLU A 124 -2.67 -40.61 -1.21
N ARG A 125 -2.73 -40.36 -2.51
CA ARG A 125 -1.62 -40.81 -3.35
C ARG A 125 -0.91 -39.65 -3.99
N THR A 126 -0.94 -38.51 -3.29
CA THR A 126 -0.31 -37.27 -3.72
C THR A 126 0.48 -36.66 -2.55
N PRO A 127 1.81 -36.69 -2.62
CA PRO A 127 2.65 -36.14 -1.54
C PRO A 127 2.46 -34.65 -1.30
N ALA A 128 2.53 -34.25 -0.04
CA ALA A 128 2.35 -32.84 0.33
C ALA A 128 3.34 -31.90 -0.35
N GLU A 129 4.35 -32.45 -1.04
CA GLU A 129 5.32 -31.61 -1.71
C GLU A 129 4.99 -31.38 -3.17
N ASN A 130 3.99 -32.09 -3.68
CA ASN A 130 3.60 -31.92 -5.07
C ASN A 130 2.89 -30.58 -5.21
N TRP A 131 2.45 -30.00 -4.09
CA TRP A 131 1.74 -28.72 -4.10
C TRP A 131 2.63 -27.49 -4.27
N LEU A 132 3.91 -27.66 -4.02
CA LEU A 132 4.87 -26.57 -4.14
C LEU A 132 4.45 -25.31 -3.39
N ASP A 133 4.31 -24.21 -4.13
CA ASP A 133 3.94 -22.95 -3.51
C ASP A 133 2.44 -22.69 -3.45
N THR A 134 1.63 -23.74 -3.54
CA THR A 134 0.19 -23.59 -3.49
C THR A 134 -0.25 -23.19 -2.07
N GLN A 135 -1.20 -22.27 -1.97
CA GLN A 135 -1.67 -21.79 -0.67
C GLN A 135 -2.99 -22.39 -0.20
N PHE A 136 -2.98 -22.93 1.00
CA PHE A 136 -4.17 -23.51 1.61
C PHE A 136 -4.50 -22.69 2.86
N LEU A 137 -5.50 -21.82 2.76
CA LEU A 137 -5.89 -20.96 3.88
C LEU A 137 -7.30 -21.27 4.37
N PRO A 138 -7.52 -21.21 5.69
CA PRO A 138 -8.84 -21.48 6.25
C PRO A 138 -9.69 -20.21 6.22
N TYR A 139 -10.97 -20.35 5.92
CA TYR A 139 -11.83 -19.18 5.91
C TYR A 139 -13.18 -19.53 6.51
N GLY A 140 -13.26 -20.70 7.12
CA GLY A 140 -14.50 -21.13 7.74
C GLY A 140 -14.45 -20.92 9.25
N SER A 141 -15.60 -20.68 9.86
CA SER A 141 -15.64 -20.48 11.30
C SER A 141 -15.22 -21.77 12.00
N PRO A 142 -14.81 -21.66 13.28
CA PRO A 142 -14.38 -22.81 14.07
C PRO A 142 -15.30 -24.04 14.07
N GLU A 143 -16.62 -23.82 14.00
CA GLU A 143 -17.57 -24.94 14.01
C GLU A 143 -17.99 -25.32 12.58
N GLU A 144 -17.53 -24.53 11.61
CA GLU A 144 -17.83 -24.78 10.21
C GLU A 144 -16.53 -24.59 9.42
N PRO A 145 -15.69 -25.64 9.38
CA PRO A 145 -14.40 -25.59 8.67
C PRO A 145 -14.51 -25.44 7.15
N LEU A 146 -13.69 -24.54 6.61
CA LEU A 146 -13.66 -24.27 5.17
C LEU A 146 -12.22 -23.91 4.79
N THR A 147 -11.73 -24.47 3.69
CA THR A 147 -10.37 -24.21 3.25
C THR A 147 -10.32 -23.74 1.80
N SER A 148 -9.49 -22.74 1.52
CA SER A 148 -9.35 -22.22 0.16
C SER A 148 -8.04 -22.74 -0.43
N MSE A 149 -8.02 -22.92 -1.75
CA MSE A 149 -6.83 -23.40 -2.45
C MSE A 149 -6.44 -22.38 -3.52
O MSE A 149 -7.28 -21.97 -4.32
CB MSE A 149 -7.12 -24.76 -3.09
CG MSE A 149 -5.97 -25.35 -3.87
SE MSE A 149 -6.40 -27.10 -4.63
CE MSE A 149 -7.83 -26.54 -5.81
N PHE A 150 -5.18 -21.97 -3.51
CA PHE A 150 -4.72 -20.98 -4.49
C PHE A 150 -3.37 -21.40 -5.08
N PHE A 151 -3.40 -21.85 -6.33
CA PHE A 151 -2.18 -22.27 -7.01
C PHE A 151 -1.14 -21.16 -7.03
N GLY A 152 0.11 -21.54 -6.81
CA GLY A 152 1.19 -20.57 -6.83
C GLY A 152 1.88 -20.65 -8.18
N PRO A 153 2.74 -19.68 -8.52
CA PRO A 153 3.45 -19.66 -9.81
C PRO A 153 4.31 -20.89 -10.09
N LYS A 154 5.01 -21.39 -9.07
CA LYS A 154 5.86 -22.57 -9.22
C LYS A 154 4.98 -23.77 -9.55
N PHE A 155 3.91 -23.94 -8.79
CA PHE A 155 3.00 -25.06 -8.99
C PHE A 155 2.45 -25.06 -10.40
N LEU A 156 2.10 -23.88 -10.91
CA LEU A 156 1.58 -23.80 -12.26
C LEU A 156 2.62 -24.17 -13.29
N ALA A 157 3.82 -23.62 -13.15
CA ALA A 157 4.89 -23.86 -14.11
C ALA A 157 5.48 -25.26 -14.13
N HIS A 158 5.58 -25.90 -12.96
CA HIS A 158 6.18 -27.23 -12.86
C HIS A 158 5.21 -28.39 -12.72
N LYS A 159 3.96 -28.13 -12.36
CA LYS A 159 3.01 -29.21 -12.20
C LYS A 159 1.82 -29.15 -13.14
N LEU A 160 1.55 -27.98 -13.70
CA LEU A 160 0.40 -27.85 -14.58
C LEU A 160 0.72 -27.45 -16.02
N TYR A 161 1.67 -26.54 -16.19
CA TYR A 161 2.03 -26.03 -17.52
C TYR A 161 3.44 -26.42 -17.99
N GLN A 162 4.02 -27.48 -17.44
CA GLN A 162 5.38 -27.83 -17.82
C GLN A 162 5.60 -28.06 -19.33
N LEU A 163 4.52 -28.31 -20.06
CA LEU A 163 4.61 -28.52 -21.50
C LEU A 163 3.91 -27.42 -22.30
N CYS A 164 3.43 -26.38 -21.63
CA CYS A 164 2.77 -25.29 -22.33
C CYS A 164 3.79 -24.21 -22.68
N SER A 165 3.39 -23.25 -23.49
CA SER A 165 4.29 -22.17 -23.90
C SER A 165 4.49 -21.16 -22.78
N PRO A 166 5.53 -20.32 -22.89
CA PRO A 166 5.75 -19.32 -21.84
C PRO A 166 4.62 -18.29 -21.83
N GLU A 167 3.94 -18.14 -22.96
CA GLU A 167 2.83 -17.20 -23.06
C GLU A 167 1.65 -17.72 -22.22
N ASP A 168 1.34 -19.01 -22.31
CA ASP A 168 0.22 -19.54 -21.54
C ASP A 168 0.46 -19.49 -20.05
N LEU A 169 1.71 -19.67 -19.63
CA LEU A 169 2.05 -19.61 -18.23
C LEU A 169 1.83 -18.17 -17.77
N ALA A 170 2.31 -17.22 -18.57
CA ALA A 170 2.17 -15.80 -18.24
C ALA A 170 0.69 -15.45 -18.13
N LEU A 171 -0.13 -16.02 -19.01
CA LEU A 171 -1.55 -15.79 -19.00
C LEU A 171 -2.18 -16.37 -17.75
N ALA A 172 -1.90 -17.64 -17.46
CA ALA A 172 -2.46 -18.27 -16.26
C ALA A 172 -2.07 -17.52 -14.99
N SER A 173 -0.80 -17.13 -14.89
CA SER A 173 -0.34 -16.44 -13.71
C SER A 173 -1.08 -15.13 -13.43
N SER A 174 -1.50 -14.44 -14.47
CA SER A 174 -2.22 -13.18 -14.27
C SER A 174 -3.72 -13.36 -14.11
N LEU A 175 -4.22 -14.58 -14.24
CA LEU A 175 -5.67 -14.79 -14.12
C LEU A 175 -6.12 -15.78 -13.04
N VAL A 176 -5.20 -16.60 -12.54
CA VAL A 176 -5.59 -17.58 -11.52
C VAL A 176 -6.13 -16.92 -10.26
N ARG A 177 -7.16 -17.51 -9.69
CA ARG A 177 -7.75 -16.99 -8.47
C ARG A 177 -7.91 -18.12 -7.47
N PRO A 178 -8.09 -17.78 -6.18
CA PRO A 178 -8.25 -18.84 -5.19
C PRO A 178 -9.57 -19.60 -5.35
N SER A 179 -9.56 -20.88 -5.07
CA SER A 179 -10.81 -21.64 -5.15
C SER A 179 -10.85 -22.59 -3.95
N SER A 180 -11.37 -23.79 -4.14
CA SER A 180 -11.49 -24.72 -3.02
C SER A 180 -11.81 -26.10 -3.57
N LEU A 181 -11.48 -27.15 -2.81
CA LEU A 181 -11.80 -28.51 -3.25
C LEU A 181 -13.12 -28.86 -2.59
N PHE A 182 -13.57 -27.98 -1.69
CA PHE A 182 -14.83 -28.17 -0.97
C PHE A 182 -14.90 -29.53 -0.25
N MSE A 183 -13.77 -29.96 0.29
CA MSE A 183 -13.66 -31.23 1.00
C MSE A 183 -14.73 -31.34 2.09
O MSE A 183 -15.47 -32.33 2.15
CB MSE A 183 -12.29 -31.35 1.67
CG MSE A 183 -11.10 -31.23 0.74
SE MSE A 183 -10.82 -32.81 -0.34
CE MSE A 183 -9.67 -33.78 0.86
N GLU A 184 -14.81 -30.32 2.94
CA GLU A 184 -15.78 -30.30 4.04
C GLU A 184 -17.19 -30.61 3.57
N ASP A 185 -17.69 -29.80 2.64
CA ASP A 185 -19.03 -30.00 2.10
C ASP A 185 -19.21 -31.38 1.48
N LEU A 186 -18.23 -31.78 0.67
CA LEU A 186 -18.30 -33.06 -0.02
C LEU A 186 -18.22 -34.31 0.87
N SER A 187 -17.74 -34.15 2.10
CA SER A 187 -17.63 -35.27 3.01
C SER A 187 -18.92 -35.54 3.78
N LYS A 188 -19.82 -34.56 3.82
CA LYS A 188 -21.07 -34.72 4.54
C LYS A 188 -22.30 -34.50 3.68
N ALA A 189 -22.09 -34.21 2.40
CA ALA A 189 -23.20 -34.00 1.48
C ALA A 189 -23.15 -35.02 0.35
N LYS A 190 -24.19 -35.86 0.27
CA LYS A 190 -24.28 -36.87 -0.78
C LYS A 190 -25.01 -36.24 -1.95
N TYR A 191 -24.32 -36.13 -3.08
CA TYR A 191 -24.87 -35.48 -4.26
C TYR A 191 -25.35 -36.35 -5.42
N PHE A 192 -24.47 -37.23 -5.87
CA PHE A 192 -24.74 -38.07 -7.03
C PHE A 192 -25.34 -39.44 -6.75
N THR A 193 -26.25 -39.86 -7.63
CA THR A 193 -26.90 -41.16 -7.51
C THR A 193 -26.78 -41.90 -8.84
N ASP A 194 -26.86 -43.22 -8.79
CA ASP A 194 -26.75 -44.06 -9.97
C ASP A 194 -27.93 -43.82 -10.92
N GLU A 195 -29.10 -43.64 -10.35
CA GLU A 195 -30.30 -43.43 -11.12
C GLU A 195 -30.24 -42.22 -12.05
N ARG A 196 -29.66 -41.14 -11.57
CA ARG A 196 -29.58 -39.92 -12.37
C ARG A 196 -28.15 -39.68 -12.88
N PHE A 197 -27.27 -39.22 -12.00
CA PHE A 197 -25.88 -38.98 -12.35
C PHE A 197 -25.37 -40.13 -13.20
N GLY A 198 -25.49 -41.34 -12.65
CA GLY A 198 -25.02 -42.54 -13.32
C GLY A 198 -25.69 -42.92 -14.63
N SER A 199 -26.82 -42.31 -14.95
CA SER A 199 -27.52 -42.63 -16.19
C SER A 199 -26.90 -41.90 -17.38
N VAL A 200 -25.89 -41.09 -17.12
CA VAL A 200 -25.22 -40.33 -18.19
C VAL A 200 -23.90 -40.98 -18.63
N LYS A 201 -23.68 -41.09 -19.94
CA LYS A 201 -22.45 -41.70 -20.45
C LYS A 201 -21.24 -40.85 -20.09
N ARG A 202 -20.19 -41.51 -19.63
CA ARG A 202 -18.96 -40.84 -19.23
C ARG A 202 -17.78 -41.20 -20.11
N VAL A 203 -17.06 -40.18 -20.55
CA VAL A 203 -15.88 -40.35 -21.38
C VAL A 203 -14.71 -39.69 -20.64
N TYR A 204 -13.62 -40.44 -20.46
CA TYR A 204 -12.48 -39.87 -19.78
C TYR A 204 -11.30 -39.69 -20.73
N ILE A 205 -10.83 -38.45 -20.85
CA ILE A 205 -9.69 -38.17 -21.71
C ILE A 205 -8.48 -38.04 -20.82
N VAL A 206 -7.56 -38.99 -20.98
CA VAL A 206 -6.34 -39.04 -20.19
C VAL A 206 -5.22 -38.22 -20.81
N CYS A 207 -4.51 -37.47 -19.97
CA CYS A 207 -3.38 -36.66 -20.40
C CYS A 207 -2.13 -37.31 -19.78
N THR A 208 -1.50 -38.18 -20.58
CA THR A 208 -0.33 -38.95 -20.19
C THR A 208 0.79 -38.19 -19.49
N GLU A 209 0.99 -36.92 -19.82
CA GLU A 209 2.06 -36.16 -19.20
C GLU A 209 1.63 -35.26 -18.07
N ASP A 210 0.40 -35.44 -17.62
CA ASP A 210 -0.14 -34.63 -16.54
C ASP A 210 0.66 -34.80 -15.25
N LYS A 211 1.11 -33.69 -14.67
CA LYS A 211 1.85 -33.72 -13.42
C LYS A 211 1.01 -33.21 -12.24
N GLY A 212 -0.15 -32.63 -12.52
CA GLY A 212 -0.98 -32.12 -11.45
C GLY A 212 -1.81 -33.26 -10.87
N ILE A 213 -2.50 -33.92 -11.79
CA ILE A 213 -3.32 -35.08 -11.51
C ILE A 213 -2.64 -36.10 -12.43
N PRO A 214 -1.60 -36.77 -11.92
CA PRO A 214 -0.84 -37.78 -12.68
C PRO A 214 -1.66 -38.84 -13.39
N GLU A 215 -1.12 -39.34 -14.50
CA GLU A 215 -1.79 -40.36 -15.32
C GLU A 215 -2.26 -41.54 -14.49
N GLU A 216 -1.41 -41.97 -13.58
CA GLU A 216 -1.73 -43.10 -12.73
C GLU A 216 -3.06 -42.92 -12.01
N PHE A 217 -3.28 -41.74 -11.45
CA PHE A 217 -4.53 -41.50 -10.74
C PHE A 217 -5.70 -41.38 -11.72
N GLN A 218 -5.41 -40.87 -12.90
CA GLN A 218 -6.45 -40.75 -13.92
C GLN A 218 -6.88 -42.17 -14.30
N ARG A 219 -5.92 -43.06 -14.55
CA ARG A 219 -6.26 -44.44 -14.91
C ARG A 219 -6.90 -45.14 -13.72
N TRP A 220 -6.53 -44.71 -12.51
CA TRP A 220 -7.09 -45.29 -11.30
C TRP A 220 -8.59 -45.04 -11.26
N GLN A 221 -8.99 -43.82 -11.61
CA GLN A 221 -10.41 -43.48 -11.60
C GLN A 221 -11.17 -44.24 -12.67
N ILE A 222 -10.56 -44.40 -13.84
CA ILE A 222 -11.20 -45.13 -14.92
C ILE A 222 -11.42 -46.58 -14.49
N ASP A 223 -10.38 -47.17 -13.91
CA ASP A 223 -10.43 -48.55 -13.45
C ASP A 223 -11.36 -48.81 -12.27
N ASN A 224 -11.38 -47.87 -11.30
CA ASN A 224 -12.19 -47.98 -10.11
C ASN A 224 -13.60 -47.41 -10.22
N ILE A 225 -13.71 -46.25 -10.85
CA ILE A 225 -15.02 -45.60 -11.01
C ILE A 225 -15.73 -46.06 -12.28
N GLY A 226 -14.97 -46.36 -13.33
CA GLY A 226 -15.57 -46.82 -14.58
C GLY A 226 -16.01 -45.74 -15.54
N VAL A 227 -15.90 -46.02 -16.84
CA VAL A 227 -16.28 -45.06 -17.87
C VAL A 227 -16.85 -45.77 -19.09
N THR A 228 -17.63 -45.05 -19.89
CA THR A 228 -18.19 -45.64 -21.09
C THR A 228 -17.06 -45.82 -22.11
N GLU A 229 -16.14 -44.87 -22.12
CA GLU A 229 -15.03 -44.92 -23.06
C GLU A 229 -13.84 -44.15 -22.49
N ALA A 230 -12.63 -44.62 -22.79
CA ALA A 230 -11.43 -43.97 -22.33
C ALA A 230 -10.60 -43.50 -23.54
N ILE A 231 -10.33 -42.21 -23.58
CA ILE A 231 -9.56 -41.61 -24.65
C ILE A 231 -8.24 -41.16 -24.07
N GLU A 232 -7.21 -41.09 -24.90
CA GLU A 232 -5.90 -40.68 -24.41
C GLU A 232 -5.25 -39.62 -25.32
N ILE A 233 -4.65 -38.60 -24.71
CA ILE A 233 -3.95 -37.56 -25.46
C ILE A 233 -2.48 -37.63 -25.04
N LYS A 234 -1.67 -38.29 -25.87
CA LYS A 234 -0.24 -38.46 -25.62
C LYS A 234 0.53 -37.16 -25.73
N GLY A 235 1.45 -36.94 -24.79
CA GLY A 235 2.27 -35.75 -24.81
C GLY A 235 1.67 -34.49 -24.22
N ALA A 236 0.47 -34.60 -23.65
CA ALA A 236 -0.20 -33.44 -23.08
C ALA A 236 -0.07 -33.37 -21.56
N ASP A 237 0.15 -32.15 -21.06
CA ASP A 237 0.24 -31.94 -19.64
C ASP A 237 -1.17 -31.71 -19.12
N HIS A 238 -1.30 -31.25 -17.88
CA HIS A 238 -2.62 -31.01 -17.31
C HIS A 238 -3.51 -30.06 -18.11
N MSE A 239 -2.89 -29.11 -18.81
CA MSE A 239 -3.64 -28.12 -19.58
C MSE A 239 -3.73 -28.49 -21.06
O MSE A 239 -3.25 -27.73 -21.93
CB MSE A 239 -3.00 -26.74 -19.42
CG MSE A 239 -3.79 -25.76 -18.56
SE MSE A 239 -4.20 -26.42 -16.78
CE MSE A 239 -2.45 -27.06 -16.33
N ALA A 240 -4.34 -29.62 -21.35
CA ALA A 240 -4.47 -30.09 -22.72
C ALA A 240 -5.09 -29.08 -23.68
N MSE A 241 -6.05 -28.26 -23.21
CA MSE A 241 -6.70 -27.29 -24.10
C MSE A 241 -5.77 -26.15 -24.50
O MSE A 241 -6.10 -25.34 -25.35
CB MSE A 241 -7.96 -26.71 -23.45
CG MSE A 241 -7.73 -25.73 -22.32
SE MSE A 241 -7.25 -26.61 -20.66
CE MSE A 241 -9.01 -26.74 -19.90
N LEU A 242 -4.60 -26.11 -23.88
CA LEU A 242 -3.59 -25.10 -24.16
C LEU A 242 -2.40 -25.68 -24.92
N CYS A 243 -1.92 -26.86 -24.52
CA CYS A 243 -0.77 -27.44 -25.23
C CYS A 243 -1.16 -28.31 -26.43
N GLU A 244 -2.38 -28.83 -26.44
CA GLU A 244 -2.83 -29.67 -27.55
C GLU A 244 -4.29 -29.43 -27.91
N PRO A 245 -4.67 -28.16 -28.16
CA PRO A 245 -6.06 -27.82 -28.51
C PRO A 245 -6.66 -28.53 -29.71
N GLN A 246 -5.87 -28.74 -30.76
CA GLN A 246 -6.39 -29.41 -31.95
C GLN A 246 -6.62 -30.89 -31.68
N LYS A 247 -5.74 -31.53 -30.92
CA LYS A 247 -5.95 -32.95 -30.61
C LYS A 247 -7.21 -33.11 -29.76
N LEU A 248 -7.37 -32.22 -28.79
CA LEU A 248 -8.53 -32.25 -27.90
C LEU A 248 -9.81 -31.99 -28.69
N CYS A 249 -9.75 -31.04 -29.62
CA CYS A 249 -10.92 -30.72 -30.43
C CYS A 249 -11.35 -31.94 -31.25
N ALA A 250 -10.38 -32.61 -31.87
CA ALA A 250 -10.71 -33.78 -32.68
C ALA A 250 -11.38 -34.85 -31.82
N SER A 251 -10.88 -35.04 -30.60
CA SER A 251 -11.44 -36.02 -29.69
C SER A 251 -12.88 -35.65 -29.32
N LEU A 252 -13.12 -34.37 -29.04
CA LEU A 252 -14.46 -33.93 -28.69
C LEU A 252 -15.42 -34.06 -29.86
N LEU A 253 -14.97 -33.73 -31.06
CA LEU A 253 -15.85 -33.83 -32.22
C LEU A 253 -16.20 -35.30 -32.45
N GLU A 254 -15.27 -36.18 -32.15
CA GLU A 254 -15.49 -37.61 -32.32
C GLU A 254 -16.57 -38.11 -31.34
N ILE A 255 -16.46 -37.73 -30.08
CA ILE A 255 -17.45 -38.19 -29.13
C ILE A 255 -18.79 -37.53 -29.45
N ALA A 256 -18.75 -36.30 -29.94
CA ALA A 256 -19.97 -35.58 -30.28
C ALA A 256 -20.70 -36.26 -31.44
N HIS A 257 -19.97 -37.09 -32.18
CA HIS A 257 -20.58 -37.77 -33.32
C HIS A 257 -21.15 -39.13 -32.95
N LYS A 258 -20.37 -39.94 -32.22
CA LYS A 258 -20.81 -41.26 -31.84
C LYS A 258 -21.81 -41.27 -30.68
N TYR A 259 -21.89 -40.17 -29.93
CA TYR A 259 -22.82 -40.05 -28.80
C TYR A 259 -23.88 -39.01 -29.15
N ASN A 260 -24.66 -39.25 -30.20
CA ASN A 260 -25.68 -38.30 -30.60
C ASN A 260 -27.08 -38.81 -30.28
N GLU B 3 21.97 -4.19 -14.75
CA GLU B 3 21.68 -4.54 -16.17
C GLU B 3 20.23 -4.98 -16.25
N GLY B 4 19.62 -4.81 -17.42
CA GLY B 4 18.21 -5.18 -17.59
C GLY B 4 17.31 -4.20 -16.87
N LYS B 5 16.21 -3.82 -17.50
CA LYS B 5 15.28 -2.87 -16.88
C LYS B 5 13.96 -3.46 -16.43
N HIS B 6 13.16 -2.65 -15.75
CA HIS B 6 11.87 -3.08 -15.25
C HIS B 6 10.76 -2.42 -16.09
N PHE B 7 10.06 -3.24 -16.86
CA PHE B 7 8.98 -2.75 -17.69
C PHE B 7 7.65 -2.90 -16.96
N VAL B 8 6.91 -1.80 -16.84
CA VAL B 8 5.61 -1.81 -16.17
C VAL B 8 4.58 -1.60 -17.25
N LEU B 9 3.79 -2.63 -17.50
CA LEU B 9 2.77 -2.62 -18.53
C LEU B 9 1.40 -2.29 -17.96
N VAL B 10 0.78 -1.26 -18.53
CA VAL B 10 -0.54 -0.82 -18.08
C VAL B 10 -1.60 -0.95 -19.17
N HIS B 11 -2.53 -1.89 -18.95
CA HIS B 11 -3.61 -2.20 -19.88
C HIS B 11 -4.59 -1.06 -20.11
N GLY B 12 -5.40 -1.21 -21.15
CA GLY B 12 -6.39 -0.21 -21.48
C GLY B 12 -7.74 -0.48 -20.85
N ALA B 13 -8.75 0.26 -21.28
CA ALA B 13 -10.09 0.08 -20.74
C ALA B 13 -10.68 -1.27 -21.10
N CYS B 14 -11.41 -1.83 -20.14
CA CYS B 14 -12.09 -3.10 -20.26
C CYS B 14 -11.14 -4.29 -20.35
N HIS B 15 -9.84 -4.03 -20.18
CA HIS B 15 -8.87 -5.11 -20.24
C HIS B 15 -8.17 -5.34 -18.90
N GLY B 16 -7.06 -6.05 -18.94
CA GLY B 16 -6.33 -6.32 -17.71
C GLY B 16 -4.91 -6.72 -18.01
N GLY B 17 -4.17 -7.08 -16.97
CA GLY B 17 -2.79 -7.49 -17.14
C GLY B 17 -2.63 -8.65 -18.10
N TRP B 18 -3.66 -9.49 -18.20
CA TRP B 18 -3.61 -10.65 -19.09
C TRP B 18 -3.37 -10.26 -20.54
N SER B 19 -3.78 -9.05 -20.92
CA SER B 19 -3.60 -8.62 -22.30
C SER B 19 -2.13 -8.60 -22.76
N TRP B 20 -1.20 -8.58 -21.81
CA TRP B 20 0.22 -8.57 -22.15
C TRP B 20 0.88 -9.95 -22.10
N TYR B 21 0.07 -11.00 -22.07
CA TYR B 21 0.58 -12.36 -21.99
C TYR B 21 1.54 -12.79 -23.10
N LYS B 22 1.47 -12.16 -24.27
CA LYS B 22 2.37 -12.52 -25.36
C LYS B 22 3.65 -11.68 -25.33
N LEU B 23 3.53 -10.45 -24.84
CA LEU B 23 4.68 -9.58 -24.78
C LEU B 23 5.56 -9.83 -23.56
N LYS B 24 4.93 -10.08 -22.42
CA LYS B 24 5.67 -10.30 -21.18
C LYS B 24 6.82 -11.30 -21.30
N PRO B 25 6.55 -12.50 -21.85
CA PRO B 25 7.60 -13.52 -22.01
C PRO B 25 8.76 -13.04 -22.86
N LEU B 26 8.44 -12.33 -23.95
CA LEU B 26 9.45 -11.81 -24.87
C LEU B 26 10.41 -10.85 -24.18
N LEU B 27 9.86 -9.92 -23.42
CA LEU B 27 10.69 -8.94 -22.72
C LEU B 27 11.57 -9.62 -21.66
N GLU B 28 11.02 -10.60 -20.95
CA GLU B 28 11.78 -11.30 -19.93
C GLU B 28 12.88 -12.13 -20.56
N ALA B 29 12.60 -12.68 -21.75
CA ALA B 29 13.57 -13.49 -22.46
C ALA B 29 14.79 -12.63 -22.79
N ALA B 30 14.58 -11.32 -22.87
CA ALA B 30 15.68 -10.41 -23.17
C ALA B 30 16.43 -10.04 -21.91
N GLY B 31 15.96 -10.55 -20.77
CA GLY B 31 16.62 -10.27 -19.51
C GLY B 31 16.06 -9.09 -18.72
N HIS B 32 14.79 -8.77 -18.95
CA HIS B 32 14.14 -7.66 -18.28
C HIS B 32 13.04 -8.07 -17.31
N LYS B 33 12.80 -7.25 -16.30
CA LYS B 33 11.75 -7.52 -15.33
C LYS B 33 10.47 -6.94 -15.90
N VAL B 34 9.39 -7.70 -15.83
CA VAL B 34 8.11 -7.24 -16.36
C VAL B 34 7.01 -7.38 -15.32
N THR B 35 6.21 -6.33 -15.18
CA THR B 35 5.07 -6.34 -14.26
C THR B 35 3.84 -5.95 -15.08
N ALA B 36 2.92 -6.90 -15.25
CA ALA B 36 1.69 -6.65 -15.99
C ALA B 36 0.56 -6.60 -14.98
N LEU B 37 0.46 -5.49 -14.26
CA LEU B 37 -0.55 -5.34 -13.22
C LEU B 37 -1.99 -5.20 -13.70
N ASP B 38 -2.91 -5.45 -12.77
CA ASP B 38 -4.33 -5.29 -13.02
C ASP B 38 -4.71 -3.95 -12.39
N LEU B 39 -5.39 -3.07 -13.13
CA LEU B 39 -5.80 -1.81 -12.54
C LEU B 39 -7.04 -2.16 -11.75
N ALA B 40 -7.59 -1.20 -10.99
CA ALA B 40 -8.79 -1.47 -10.20
C ALA B 40 -9.97 -1.95 -11.05
N ALA B 41 -10.77 -2.88 -10.52
CA ALA B 41 -11.93 -3.43 -11.22
C ALA B 41 -11.62 -3.99 -12.61
N SER B 42 -10.39 -4.46 -12.78
CA SER B 42 -9.94 -5.01 -14.04
C SER B 42 -9.28 -6.38 -13.81
N GLY B 43 -9.28 -7.22 -14.83
CA GLY B 43 -8.67 -8.53 -14.71
C GLY B 43 -9.27 -9.30 -13.54
N THR B 44 -8.45 -9.75 -12.61
CA THR B 44 -8.98 -10.49 -11.48
C THR B 44 -9.20 -9.61 -10.26
N ASP B 45 -9.12 -8.29 -10.41
CA ASP B 45 -9.34 -7.41 -9.26
C ASP B 45 -10.78 -7.58 -8.78
N LEU B 46 -10.98 -7.60 -7.47
CA LEU B 46 -12.32 -7.79 -6.90
C LEU B 46 -13.20 -6.57 -6.79
N ARG B 47 -12.64 -5.39 -7.03
CA ARG B 47 -13.43 -4.18 -6.96
C ARG B 47 -14.35 -4.13 -8.16
N LYS B 48 -15.50 -3.50 -7.98
CA LYS B 48 -16.49 -3.34 -9.03
C LYS B 48 -16.34 -1.94 -9.62
N ILE B 49 -16.80 -1.77 -10.85
CA ILE B 49 -16.71 -0.49 -11.53
C ILE B 49 -17.43 0.63 -10.78
N GLU B 50 -18.59 0.30 -10.19
CA GLU B 50 -19.37 1.27 -9.44
C GLU B 50 -18.62 1.80 -8.22
N GLU B 51 -17.47 1.21 -7.91
CA GLU B 51 -16.67 1.64 -6.76
C GLU B 51 -15.63 2.67 -7.19
N LEU B 52 -15.42 2.82 -8.49
CA LEU B 52 -14.44 3.79 -8.96
C LEU B 52 -15.15 5.08 -9.33
N ARG B 53 -14.86 6.16 -8.62
CA ARG B 53 -15.51 7.43 -8.91
C ARG B 53 -14.56 8.37 -9.64
N THR B 54 -13.26 8.09 -9.51
CA THR B 54 -12.25 8.93 -10.13
C THR B 54 -11.18 8.11 -10.85
N LEU B 55 -10.41 8.79 -11.68
CA LEU B 55 -9.33 8.14 -12.41
C LEU B 55 -8.28 7.62 -11.42
N TYR B 56 -8.15 8.30 -10.29
CA TYR B 56 -7.18 7.87 -9.28
C TYR B 56 -7.57 6.53 -8.67
N ASP B 57 -8.86 6.35 -8.41
CA ASP B 57 -9.34 5.10 -7.83
C ASP B 57 -8.99 3.94 -8.76
N TYR B 58 -9.17 4.16 -10.05
CA TYR B 58 -8.89 3.16 -11.06
C TYR B 58 -7.38 2.87 -11.14
N THR B 59 -6.59 3.92 -10.97
CA THR B 59 -5.14 3.84 -11.05
C THR B 59 -4.42 3.41 -9.76
N LEU B 60 -5.19 3.28 -8.69
CA LEU B 60 -4.64 2.89 -7.39
C LEU B 60 -3.59 1.77 -7.44
N PRO B 61 -3.87 0.66 -8.15
CA PRO B 61 -2.89 -0.43 -8.21
C PRO B 61 -1.54 -0.02 -8.80
N LEU B 62 -1.57 0.90 -9.77
CA LEU B 62 -0.35 1.37 -10.39
C LEU B 62 0.40 2.26 -9.39
N MSE B 63 -0.34 3.08 -8.66
CA MSE B 63 0.26 3.97 -7.67
C MSE B 63 0.97 3.17 -6.58
O MSE B 63 2.05 3.53 -6.14
CB MSE B 63 -0.82 4.87 -7.07
CG MSE B 63 -1.61 5.65 -8.11
SE MSE B 63 -0.45 6.64 -9.34
CE MSE B 63 -0.52 8.36 -8.46
N GLU B 64 0.34 2.09 -6.14
CA GLU B 64 0.94 1.25 -5.11
C GLU B 64 2.22 0.62 -5.62
N LEU B 65 2.21 0.18 -6.88
CA LEU B 65 3.40 -0.42 -7.48
C LEU B 65 4.56 0.57 -7.47
N MSE B 66 4.30 1.78 -7.93
CA MSE B 66 5.33 2.81 -7.98
C MSE B 66 5.88 3.10 -6.59
O MSE B 66 7.08 3.23 -6.39
CB MSE B 66 4.78 4.09 -8.60
CG MSE B 66 4.27 3.94 -10.02
SE MSE B 66 5.65 3.34 -11.22
CE MSE B 66 6.66 4.99 -11.35
N GLU B 67 4.97 3.20 -5.61
CA GLU B 67 5.34 3.48 -4.23
C GLU B 67 6.24 2.40 -3.63
N SER B 68 6.07 1.17 -4.10
CA SER B 68 6.85 0.03 -3.61
C SER B 68 8.21 -0.10 -4.28
N LEU B 69 8.51 0.79 -5.23
CA LEU B 69 9.79 0.75 -5.94
C LEU B 69 11.00 1.07 -5.07
N SER B 70 12.09 0.35 -5.31
CA SER B 70 13.33 0.56 -4.56
C SER B 70 13.81 2.00 -4.65
N ALA B 71 14.63 2.40 -3.70
CA ALA B 71 15.16 3.77 -3.65
C ALA B 71 15.72 4.25 -4.99
N ASP B 72 16.69 3.51 -5.53
CA ASP B 72 17.30 3.88 -6.80
C ASP B 72 16.85 2.96 -7.92
N GLU B 73 15.57 2.62 -7.93
CA GLU B 73 15.03 1.74 -8.96
C GLU B 73 14.08 2.52 -9.87
N LYS B 74 14.40 2.57 -11.16
CA LYS B 74 13.58 3.27 -12.13
C LYS B 74 12.86 2.24 -12.99
N VAL B 75 11.86 2.69 -13.73
CA VAL B 75 11.12 1.78 -14.58
C VAL B 75 10.74 2.45 -15.89
N ILE B 76 10.29 1.62 -16.83
CA ILE B 76 9.82 2.10 -18.11
C ILE B 76 8.34 1.76 -18.15
N LEU B 77 7.51 2.79 -18.25
CA LEU B 77 6.07 2.59 -18.30
C LEU B 77 5.60 2.44 -19.73
N VAL B 78 4.69 1.50 -19.94
CA VAL B 78 4.11 1.28 -21.25
C VAL B 78 2.59 1.28 -21.02
N GLY B 79 1.91 2.29 -21.52
CA GLY B 79 0.48 2.38 -21.37
C GLY B 79 -0.25 2.15 -22.67
N HIS B 80 -1.30 1.34 -22.63
CA HIS B 80 -2.09 1.02 -23.81
C HIS B 80 -3.49 1.61 -23.71
N SER B 81 -3.96 2.19 -24.82
CA SER B 81 -5.19 2.73 -24.87
C SER B 81 -5.46 3.67 -23.70
N LEU B 82 -6.53 3.43 -22.94
CA LEU B 82 -6.86 4.28 -21.80
C LEU B 82 -5.72 4.29 -20.80
N GLY B 83 -4.89 3.25 -20.86
CA GLY B 83 -3.74 3.14 -19.97
C GLY B 83 -2.84 4.35 -19.99
N GLY B 84 -2.95 5.14 -21.05
CA GLY B 84 -2.12 6.34 -21.15
C GLY B 84 -2.49 7.32 -20.06
N MSE B 85 -3.78 7.42 -19.78
CA MSE B 85 -4.26 8.34 -18.74
C MSE B 85 -3.78 7.85 -17.37
O MSE B 85 -3.41 8.66 -16.53
CB MSE B 85 -5.78 8.43 -18.76
CG MSE B 85 -6.36 8.91 -20.09
SE MSE B 85 -5.73 10.67 -20.64
CE MSE B 85 -6.65 11.73 -19.29
N ASN B 86 -3.78 6.54 -17.17
CA ASN B 86 -3.28 6.01 -15.90
C ASN B 86 -1.82 6.38 -15.80
N LEU B 87 -1.11 6.29 -16.92
CA LEU B 87 0.31 6.62 -16.94
C LEU B 87 0.54 8.05 -16.44
N GLY B 88 -0.30 8.98 -16.90
CA GLY B 88 -0.16 10.37 -16.49
C GLY B 88 -0.16 10.61 -14.99
N LEU B 89 -0.98 9.88 -14.26
CA LEU B 89 -1.01 10.03 -12.81
C LEU B 89 0.32 9.58 -12.24
N ALA B 90 0.84 8.45 -12.72
CA ALA B 90 2.11 7.94 -12.22
C ALA B 90 3.23 8.91 -12.53
N MSE B 91 3.19 9.49 -13.73
CA MSE B 91 4.20 10.45 -14.16
C MSE B 91 4.16 11.70 -13.28
O MSE B 91 5.19 12.28 -12.97
CB MSE B 91 3.99 10.81 -15.62
CG MSE B 91 4.23 9.64 -16.58
SE MSE B 91 3.29 9.77 -18.28
CE MSE B 91 4.42 11.09 -19.17
N GLU B 92 2.96 12.11 -12.89
CA GLU B 92 2.81 13.30 -12.07
C GLU B 92 3.31 13.06 -10.64
N LYS B 93 3.01 11.90 -10.07
CA LYS B 93 3.44 11.61 -8.70
C LYS B 93 4.91 11.20 -8.57
N TYR B 94 5.36 10.30 -9.44
CA TYR B 94 6.73 9.81 -9.38
C TYR B 94 7.52 10.09 -10.66
N PRO B 95 7.60 11.37 -11.06
CA PRO B 95 8.33 11.71 -12.29
C PRO B 95 9.77 11.21 -12.34
N GLN B 96 10.46 11.24 -11.21
CA GLN B 96 11.86 10.82 -11.19
C GLN B 96 12.12 9.32 -11.12
N LYS B 97 11.07 8.51 -11.06
CA LYS B 97 11.26 7.06 -11.01
C LYS B 97 10.94 6.45 -12.37
N ILE B 98 10.74 7.32 -13.36
CA ILE B 98 10.40 6.88 -14.69
C ILE B 98 11.40 7.29 -15.74
N TYR B 99 11.99 6.29 -16.41
CA TYR B 99 12.95 6.51 -17.48
C TYR B 99 12.22 7.11 -18.68
N ALA B 100 11.11 6.49 -19.04
CA ALA B 100 10.33 6.96 -20.18
C ALA B 100 8.93 6.41 -20.14
N ALA B 101 7.97 7.19 -20.64
CA ALA B 101 6.59 6.76 -20.68
C ALA B 101 6.24 6.46 -22.12
N VAL B 102 5.92 5.20 -22.38
CA VAL B 102 5.57 4.77 -23.72
C VAL B 102 4.06 4.68 -23.85
N PHE B 103 3.51 5.44 -24.78
CA PHE B 103 2.08 5.44 -25.04
C PHE B 103 1.82 4.61 -26.29
N LEU B 104 1.32 3.40 -26.08
CA LEU B 104 1.01 2.47 -27.18
C LEU B 104 -0.44 2.66 -27.62
N ALA B 105 -0.65 3.34 -28.74
CA ALA B 105 -1.99 3.60 -29.26
C ALA B 105 -2.88 4.03 -28.11
N ALA B 106 -2.33 4.92 -27.28
CA ALA B 106 -3.04 5.37 -26.10
C ALA B 106 -3.48 6.82 -26.12
N PHE B 107 -4.26 7.16 -25.10
CA PHE B 107 -4.68 8.53 -24.94
C PHE B 107 -3.52 9.12 -24.18
N MSE B 108 -2.99 10.22 -24.70
CA MSE B 108 -1.85 10.90 -24.10
C MSE B 108 -2.22 12.36 -23.86
O MSE B 108 -2.28 13.16 -24.79
CB MSE B 108 -0.64 10.79 -25.04
CG MSE B 108 0.58 11.58 -24.58
SE MSE B 108 2.11 11.31 -25.70
CE MSE B 108 1.48 12.29 -27.26
N PRO B 109 -2.43 12.74 -22.58
CA PRO B 109 -2.79 14.08 -22.10
C PRO B 109 -1.65 15.07 -22.17
N ASP B 110 -1.94 16.30 -21.77
CA ASP B 110 -0.94 17.36 -21.68
C ASP B 110 -1.25 18.14 -20.41
N SER B 111 -0.39 19.11 -20.11
CA SER B 111 -0.56 19.94 -18.92
C SER B 111 -1.08 21.34 -19.26
N VAL B 112 -1.57 21.51 -20.49
CA VAL B 112 -2.08 22.79 -20.96
C VAL B 112 -3.59 22.96 -20.85
N HIS B 113 -4.34 22.03 -21.42
CA HIS B 113 -5.79 22.10 -21.37
C HIS B 113 -6.34 21.31 -20.20
N ASN B 114 -7.66 21.15 -20.16
CA ASN B 114 -8.32 20.37 -19.10
C ASN B 114 -7.74 18.96 -19.20
N SER B 115 -7.83 18.21 -18.10
CA SER B 115 -7.32 16.85 -18.07
C SER B 115 -8.04 15.92 -19.05
N SER B 116 -9.30 16.23 -19.36
CA SER B 116 -10.08 15.41 -20.27
C SER B 116 -10.03 15.87 -21.73
N PHE B 117 -9.16 16.82 -22.02
CA PHE B 117 -9.02 17.37 -23.37
C PHE B 117 -8.96 16.35 -24.49
N VAL B 118 -7.95 15.47 -24.48
CA VAL B 118 -7.83 14.47 -25.55
C VAL B 118 -9.02 13.53 -25.65
N LEU B 119 -9.68 13.27 -24.52
CA LEU B 119 -10.83 12.38 -24.53
C LEU B 119 -12.04 13.09 -25.14
N GLU B 120 -12.17 14.39 -24.85
CA GLU B 120 -13.26 15.18 -25.40
C GLU B 120 -13.11 15.30 -26.91
N GLN B 121 -11.87 15.50 -27.36
CA GLN B 121 -11.60 15.62 -28.79
C GLN B 121 -11.92 14.29 -29.47
N TYR B 122 -11.47 13.20 -28.85
CA TYR B 122 -11.71 11.85 -29.39
C TYR B 122 -13.21 11.63 -29.54
N ASN B 123 -13.95 11.95 -28.50
CA ASN B 123 -15.39 11.76 -28.51
C ASN B 123 -16.11 12.62 -29.56
N GLU B 124 -15.53 13.75 -29.95
CA GLU B 124 -16.17 14.60 -30.94
C GLU B 124 -15.89 14.15 -32.38
N ARG B 125 -14.80 13.44 -32.60
CA ARG B 125 -14.52 12.95 -33.95
C ARG B 125 -15.20 11.60 -34.14
N THR B 126 -15.20 10.81 -33.08
CA THR B 126 -15.78 9.48 -33.11
C THR B 126 -17.30 9.48 -33.18
N PRO B 127 -17.88 9.16 -34.34
CA PRO B 127 -19.34 9.13 -34.50
C PRO B 127 -19.93 8.02 -33.65
N ALA B 128 -21.17 8.21 -33.20
CA ALA B 128 -21.85 7.23 -32.37
C ALA B 128 -21.87 5.82 -32.96
N GLU B 129 -21.90 5.72 -34.29
CA GLU B 129 -21.93 4.43 -34.97
C GLU B 129 -20.70 3.57 -34.69
N ASN B 130 -19.56 4.21 -34.55
CA ASN B 130 -18.30 3.50 -34.31
C ASN B 130 -18.27 2.67 -33.03
N TRP B 131 -19.06 3.07 -32.04
CA TRP B 131 -19.11 2.33 -30.77
C TRP B 131 -19.78 0.98 -30.89
N LEU B 132 -20.57 0.81 -31.95
CA LEU B 132 -21.27 -0.45 -32.21
C LEU B 132 -22.13 -0.90 -31.02
N ASP B 133 -21.79 -2.04 -30.43
CA ASP B 133 -22.55 -2.59 -29.31
C ASP B 133 -21.97 -2.29 -27.92
N THR B 134 -21.08 -1.30 -27.84
CA THR B 134 -20.47 -0.89 -26.59
C THR B 134 -21.56 -0.33 -25.66
N GLN B 135 -21.55 -0.73 -24.39
CA GLN B 135 -22.55 -0.26 -23.45
C GLN B 135 -22.08 0.90 -22.60
N PHE B 136 -22.90 1.94 -22.56
CA PHE B 136 -22.62 3.12 -21.77
C PHE B 136 -23.79 3.24 -20.80
N LEU B 137 -23.49 3.07 -19.52
CA LEU B 137 -24.50 3.13 -18.47
C LEU B 137 -24.07 4.06 -17.35
N PRO B 138 -25.01 4.87 -16.85
CA PRO B 138 -24.70 5.78 -15.75
C PRO B 138 -24.78 5.07 -14.41
N TYR B 139 -23.92 5.49 -13.48
CA TYR B 139 -23.96 4.93 -12.14
C TYR B 139 -23.65 6.03 -11.14
N GLY B 140 -23.76 7.27 -11.60
CA GLY B 140 -23.50 8.41 -10.74
C GLY B 140 -24.74 9.27 -10.60
N SER B 141 -24.54 10.58 -10.63
CA SER B 141 -25.64 11.51 -10.50
C SER B 141 -25.20 12.87 -11.08
N PRO B 142 -26.16 13.75 -11.38
CA PRO B 142 -25.82 15.06 -11.92
C PRO B 142 -24.84 15.85 -11.08
N GLU B 143 -24.86 15.62 -9.76
CA GLU B 143 -23.96 16.27 -8.81
C GLU B 143 -22.54 15.90 -9.23
N GLU B 144 -22.37 14.63 -9.59
CA GLU B 144 -21.10 14.11 -10.06
C GLU B 144 -21.37 12.94 -11.00
N PRO B 145 -21.63 13.26 -12.28
CA PRO B 145 -21.92 12.27 -13.31
C PRO B 145 -20.83 11.20 -13.49
N LEU B 146 -21.27 9.94 -13.49
CA LEU B 146 -20.38 8.80 -13.66
C LEU B 146 -20.98 7.90 -14.72
N THR B 147 -20.13 7.39 -15.61
CA THR B 147 -20.59 6.53 -16.69
C THR B 147 -19.65 5.37 -16.93
N SER B 148 -20.22 4.17 -16.96
CA SER B 148 -19.41 2.98 -17.20
C SER B 148 -19.44 2.67 -18.69
N MSE B 149 -18.33 2.15 -19.19
CA MSE B 149 -18.19 1.79 -20.60
C MSE B 149 -17.81 0.32 -20.68
O MSE B 149 -16.82 -0.11 -20.11
CB MSE B 149 -17.12 2.65 -21.25
CG MSE B 149 -16.78 2.25 -22.69
SE MSE B 149 -15.40 3.39 -23.43
CE MSE B 149 -13.84 2.61 -22.60
N PHE B 150 -18.62 -0.44 -21.41
CA PHE B 150 -18.37 -1.87 -21.58
C PHE B 150 -18.43 -2.28 -23.06
N PHE B 151 -17.27 -2.63 -23.62
CA PHE B 151 -17.16 -3.05 -25.01
C PHE B 151 -17.98 -4.29 -25.32
N GLY B 152 -18.71 -4.27 -26.44
CA GLY B 152 -19.51 -5.41 -26.83
C GLY B 152 -18.69 -6.29 -27.77
N PRO B 153 -19.12 -7.55 -28.03
CA PRO B 153 -18.39 -8.45 -28.92
C PRO B 153 -18.15 -7.91 -30.34
N LYS B 154 -19.10 -7.15 -30.86
CA LYS B 154 -18.97 -6.58 -32.20
C LYS B 154 -17.94 -5.45 -32.23
N PHE B 155 -17.99 -4.56 -31.23
CA PHE B 155 -17.03 -3.47 -31.17
C PHE B 155 -15.62 -4.04 -31.05
N LEU B 156 -15.50 -5.14 -30.31
CA LEU B 156 -14.19 -5.76 -30.14
C LEU B 156 -13.69 -6.36 -31.44
N ALA B 157 -14.56 -7.09 -32.13
CA ALA B 157 -14.17 -7.73 -33.37
C ALA B 157 -13.95 -6.77 -34.52
N HIS B 158 -14.79 -5.74 -34.63
CA HIS B 158 -14.62 -4.80 -35.74
C HIS B 158 -13.64 -3.66 -35.50
N LYS B 159 -13.61 -3.16 -34.26
CA LYS B 159 -12.76 -2.01 -33.97
C LYS B 159 -11.46 -2.24 -33.23
N LEU B 160 -11.36 -3.31 -32.45
CA LEU B 160 -10.13 -3.54 -31.71
C LEU B 160 -9.34 -4.77 -32.12
N TYR B 161 -10.03 -5.86 -32.44
CA TYR B 161 -9.35 -7.11 -32.80
C TYR B 161 -9.49 -7.55 -34.26
N GLN B 162 -9.89 -6.63 -35.15
CA GLN B 162 -10.09 -6.99 -36.56
C GLN B 162 -8.91 -7.68 -37.25
N LEU B 163 -7.71 -7.53 -36.71
CA LEU B 163 -6.56 -8.18 -37.32
C LEU B 163 -5.92 -9.21 -36.39
N CYS B 164 -6.61 -9.56 -35.31
CA CYS B 164 -6.10 -10.53 -34.34
C CYS B 164 -6.66 -11.94 -34.59
N SER B 165 -5.99 -12.94 -34.01
CA SER B 165 -6.40 -14.34 -34.16
C SER B 165 -7.75 -14.60 -33.49
N PRO B 166 -8.45 -15.64 -33.92
CA PRO B 166 -9.76 -15.99 -33.35
C PRO B 166 -9.62 -16.41 -31.87
N GLU B 167 -8.44 -16.90 -31.50
CA GLU B 167 -8.19 -17.31 -30.14
C GLU B 167 -8.15 -16.07 -29.27
N ASP B 168 -7.45 -15.04 -29.74
CA ASP B 168 -7.35 -13.80 -28.98
C ASP B 168 -8.71 -13.14 -28.80
N LEU B 169 -9.57 -13.21 -29.81
CA LEU B 169 -10.90 -12.61 -29.69
C LEU B 169 -11.73 -13.37 -28.65
N ALA B 170 -11.56 -14.68 -28.61
CA ALA B 170 -12.28 -15.53 -27.66
C ALA B 170 -11.76 -15.24 -26.26
N LEU B 171 -10.46 -15.01 -26.14
CA LEU B 171 -9.87 -14.70 -24.85
C LEU B 171 -10.47 -13.39 -24.34
N ALA B 172 -10.49 -12.38 -25.20
CA ALA B 172 -11.04 -11.09 -24.81
C ALA B 172 -12.51 -11.17 -24.41
N SER B 173 -13.31 -11.87 -25.21
CA SER B 173 -14.74 -12.00 -24.91
C SER B 173 -15.03 -12.64 -23.56
N SER B 174 -14.12 -13.47 -23.07
CA SER B 174 -14.34 -14.12 -21.79
C SER B 174 -13.73 -13.35 -20.63
N LEU B 175 -12.91 -12.35 -20.95
CA LEU B 175 -12.23 -11.57 -19.92
C LEU B 175 -12.57 -10.08 -19.77
N VAL B 176 -13.10 -9.46 -20.82
CA VAL B 176 -13.42 -8.03 -20.74
C VAL B 176 -14.40 -7.68 -19.61
N ARG B 177 -14.18 -6.53 -18.98
CA ARG B 177 -15.05 -6.08 -17.90
C ARG B 177 -15.39 -4.60 -18.08
N PRO B 178 -16.52 -4.14 -17.51
CA PRO B 178 -16.88 -2.73 -17.67
C PRO B 178 -15.77 -1.81 -17.15
N SER B 179 -15.65 -0.64 -17.77
CA SER B 179 -14.62 0.31 -17.40
C SER B 179 -15.29 1.68 -17.39
N SER B 180 -14.50 2.72 -17.67
CA SER B 180 -15.01 4.09 -17.74
C SER B 180 -13.94 5.00 -18.30
N LEU B 181 -14.37 6.06 -19.00
CA LEU B 181 -13.43 7.02 -19.56
C LEU B 181 -13.22 8.09 -18.48
N PHE B 182 -14.05 8.06 -17.45
CA PHE B 182 -13.95 9.03 -16.35
C PHE B 182 -13.96 10.46 -16.87
N MSE B 183 -14.81 10.71 -17.87
CA MSE B 183 -14.92 12.02 -18.50
C MSE B 183 -15.16 13.18 -17.56
O MSE B 183 -14.42 14.16 -17.55
CB MSE B 183 -16.04 11.99 -19.54
CG MSE B 183 -15.76 11.09 -20.73
SE MSE B 183 -14.41 11.81 -21.92
CE MSE B 183 -15.55 12.28 -23.41
N GLU B 184 -16.21 13.06 -16.76
CA GLU B 184 -16.60 14.09 -15.81
C GLU B 184 -15.55 14.33 -14.74
N ASP B 185 -14.99 13.27 -14.16
CA ASP B 185 -13.94 13.46 -13.14
C ASP B 185 -12.78 14.23 -13.78
N LEU B 186 -12.37 13.80 -14.97
CA LEU B 186 -11.27 14.42 -15.68
C LEU B 186 -11.51 15.88 -16.08
N SER B 187 -12.74 16.20 -16.49
CA SER B 187 -13.06 17.56 -16.91
C SER B 187 -12.98 18.59 -15.78
N LYS B 188 -12.95 18.14 -14.53
CA LYS B 188 -12.85 19.06 -13.42
C LYS B 188 -11.59 18.89 -12.58
N ALA B 189 -10.76 17.93 -12.95
CA ALA B 189 -9.53 17.68 -12.21
C ALA B 189 -8.30 18.31 -12.87
N LYS B 190 -7.23 18.43 -12.09
CA LYS B 190 -5.98 18.99 -12.58
C LYS B 190 -4.89 17.97 -12.27
N TYR B 191 -4.89 16.87 -13.02
CA TYR B 191 -3.96 15.78 -12.83
C TYR B 191 -2.54 15.95 -13.33
N PHE B 192 -2.36 16.74 -14.38
CA PHE B 192 -1.04 16.89 -14.98
C PHE B 192 -0.49 18.30 -15.02
N THR B 193 0.79 18.44 -14.64
CA THR B 193 1.46 19.74 -14.64
C THR B 193 2.77 19.61 -15.41
N ASP B 194 3.27 20.73 -15.94
CA ASP B 194 4.49 20.69 -16.73
C ASP B 194 5.75 20.31 -15.93
N GLU B 195 5.80 20.74 -14.67
CA GLU B 195 6.94 20.46 -13.81
C GLU B 195 7.10 18.97 -13.46
N ARG B 196 5.99 18.23 -13.36
CA ARG B 196 6.07 16.82 -13.01
C ARG B 196 5.72 15.93 -14.22
N PHE B 197 4.44 15.81 -14.55
CA PHE B 197 4.05 15.00 -15.70
C PHE B 197 4.89 15.33 -16.95
N GLY B 198 5.00 16.61 -17.25
CA GLY B 198 5.74 17.05 -18.42
C GLY B 198 7.26 16.94 -18.39
N SER B 199 7.82 16.57 -17.25
CA SER B 199 9.26 16.44 -17.16
C SER B 199 9.72 15.05 -17.57
N VAL B 200 8.76 14.16 -17.80
CA VAL B 200 9.08 12.77 -18.17
C VAL B 200 9.15 12.55 -19.69
N LYS B 201 10.20 11.86 -20.13
CA LYS B 201 10.38 11.57 -21.54
C LYS B 201 9.15 10.81 -22.04
N ARG B 202 8.63 11.23 -23.18
CA ARG B 202 7.45 10.61 -23.77
C ARG B 202 7.81 9.94 -25.09
N VAL B 203 7.25 8.75 -25.32
CA VAL B 203 7.47 8.01 -26.55
C VAL B 203 6.09 7.51 -27.01
N TYR B 204 5.81 7.60 -28.30
CA TYR B 204 4.51 7.13 -28.77
C TYR B 204 4.66 6.07 -29.88
N ILE B 205 3.98 4.94 -29.69
CA ILE B 205 4.02 3.86 -30.67
C ILE B 205 2.68 3.88 -31.38
N VAL B 206 2.69 4.28 -32.66
CA VAL B 206 1.46 4.36 -33.44
C VAL B 206 1.16 3.01 -34.08
N CYS B 207 -0.12 2.65 -34.08
CA CYS B 207 -0.59 1.43 -34.67
C CYS B 207 -1.40 1.85 -35.89
N THR B 208 -0.78 1.69 -37.05
CA THR B 208 -1.35 2.10 -38.33
C THR B 208 -2.75 1.64 -38.69
N GLU B 209 -3.07 0.38 -38.40
CA GLU B 209 -4.38 -0.16 -38.72
C GLU B 209 -5.35 -0.10 -37.57
N ASP B 210 -5.05 0.73 -36.57
CA ASP B 210 -5.91 0.87 -35.42
C ASP B 210 -7.25 1.46 -35.83
N LYS B 211 -8.34 0.79 -35.48
CA LYS B 211 -9.69 1.25 -35.79
C LYS B 211 -10.44 1.67 -34.53
N GLY B 212 -9.78 1.57 -33.38
CA GLY B 212 -10.40 1.96 -32.13
C GLY B 212 -10.05 3.39 -31.87
N ILE B 213 -8.75 3.65 -31.88
CA ILE B 213 -8.22 4.99 -31.73
C ILE B 213 -7.43 5.13 -33.03
N PRO B 214 -8.10 5.61 -34.09
CA PRO B 214 -7.48 5.78 -35.41
C PRO B 214 -6.11 6.47 -35.46
N GLU B 215 -5.29 6.06 -36.43
CA GLU B 215 -3.95 6.61 -36.62
C GLU B 215 -3.97 8.14 -36.67
N GLU B 216 -5.00 8.71 -37.28
CA GLU B 216 -5.09 10.16 -37.38
C GLU B 216 -5.17 10.79 -35.99
N PHE B 217 -5.99 10.22 -35.11
CA PHE B 217 -6.12 10.75 -33.76
C PHE B 217 -4.81 10.57 -33.00
N GLN B 218 -4.17 9.43 -33.23
CA GLN B 218 -2.90 9.15 -32.58
C GLN B 218 -1.91 10.24 -33.00
N ARG B 219 -1.85 10.51 -34.31
CA ARG B 219 -0.96 11.53 -34.86
C ARG B 219 -1.26 12.88 -34.24
N TRP B 220 -2.54 13.20 -34.12
CA TRP B 220 -2.95 14.47 -33.54
C TRP B 220 -2.40 14.67 -32.13
N GLN B 221 -2.54 13.66 -31.27
CA GLN B 221 -2.04 13.78 -29.90
C GLN B 221 -0.55 14.03 -29.90
N ILE B 222 0.16 13.41 -30.84
CA ILE B 222 1.60 13.59 -30.94
C ILE B 222 1.93 15.04 -31.28
N ASP B 223 1.17 15.61 -32.21
CA ASP B 223 1.38 17.00 -32.63
C ASP B 223 0.90 17.97 -31.55
N ASN B 224 -0.14 17.58 -30.81
CA ASN B 224 -0.70 18.42 -29.75
C ASN B 224 0.26 18.75 -28.61
N ILE B 225 0.96 17.75 -28.08
CA ILE B 225 1.88 18.00 -26.97
C ILE B 225 3.33 17.76 -27.35
N GLY B 226 3.55 16.95 -28.37
CA GLY B 226 4.91 16.65 -28.79
C GLY B 226 5.44 15.43 -28.07
N VAL B 227 6.38 14.74 -28.71
CA VAL B 227 6.96 13.54 -28.13
C VAL B 227 8.46 13.49 -28.39
N THR B 228 9.20 12.86 -27.48
CA THR B 228 10.65 12.74 -27.62
C THR B 228 10.96 11.86 -28.83
N GLU B 229 10.12 10.86 -29.05
CA GLU B 229 10.30 9.94 -30.17
C GLU B 229 8.98 9.28 -30.50
N ALA B 230 8.68 9.16 -31.79
CA ALA B 230 7.45 8.53 -32.26
C ALA B 230 7.83 7.38 -33.17
N ILE B 231 7.48 6.17 -32.76
CA ILE B 231 7.78 5.00 -33.56
C ILE B 231 6.47 4.49 -34.10
N GLU B 232 6.53 3.65 -35.12
CA GLU B 232 5.32 3.14 -35.75
C GLU B 232 5.38 1.63 -35.97
N ILE B 233 4.26 0.96 -35.73
CA ILE B 233 4.16 -0.49 -35.96
C ILE B 233 3.14 -0.65 -37.09
N LYS B 234 3.65 -0.76 -38.30
CA LYS B 234 2.81 -0.90 -39.48
C LYS B 234 2.08 -2.24 -39.49
N GLY B 235 0.79 -2.21 -39.81
CA GLY B 235 0.03 -3.44 -39.86
C GLY B 235 -0.62 -3.89 -38.57
N ALA B 236 -0.34 -3.20 -37.46
CA ALA B 236 -0.93 -3.59 -36.18
C ALA B 236 -2.26 -2.88 -35.92
N ASP B 237 -3.24 -3.64 -35.44
CA ASP B 237 -4.55 -3.08 -35.10
C ASP B 237 -4.40 -2.49 -33.69
N HIS B 238 -5.51 -2.26 -32.99
CA HIS B 238 -5.44 -1.67 -31.64
C HIS B 238 -4.73 -2.55 -30.62
N MSE B 239 -4.83 -3.87 -30.81
CA MSE B 239 -4.21 -4.81 -29.88
C MSE B 239 -2.84 -5.25 -30.38
O MSE B 239 -2.62 -6.43 -30.67
CB MSE B 239 -5.13 -6.02 -29.70
CG MSE B 239 -6.59 -5.66 -29.37
SE MSE B 239 -6.83 -4.46 -27.85
CE MSE B 239 -5.93 -5.48 -26.46
N ALA B 240 -1.92 -4.30 -30.48
CA ALA B 240 -0.57 -4.54 -30.97
C ALA B 240 0.21 -5.61 -30.20
N MSE B 241 -0.05 -5.74 -28.90
CA MSE B 241 0.65 -6.73 -28.09
C MSE B 241 0.14 -8.16 -28.36
O MSE B 241 0.72 -9.14 -27.89
CB MSE B 241 0.54 -6.42 -26.58
CG MSE B 241 -0.83 -6.68 -25.97
SE MSE B 241 -2.18 -5.37 -26.43
CE MSE B 241 -1.92 -4.16 -24.93
N LEU B 242 -0.95 -8.26 -29.12
CA LEU B 242 -1.52 -9.56 -29.47
C LEU B 242 -1.29 -9.93 -30.93
N CYS B 243 -1.43 -8.96 -31.84
CA CYS B 243 -1.23 -9.22 -33.27
C CYS B 243 0.22 -9.03 -33.73
N GLU B 244 1.00 -8.25 -33.01
CA GLU B 244 2.39 -8.02 -33.37
C GLU B 244 3.30 -7.94 -32.13
N PRO B 245 3.20 -8.91 -31.21
CA PRO B 245 4.03 -8.90 -30.01
C PRO B 245 5.53 -8.81 -30.25
N GLN B 246 6.04 -9.53 -31.24
CA GLN B 246 7.48 -9.52 -31.50
C GLN B 246 8.01 -8.15 -31.91
N LYS B 247 7.27 -7.47 -32.80
CA LYS B 247 7.67 -6.15 -33.26
C LYS B 247 7.55 -5.16 -32.11
N LEU B 248 6.53 -5.34 -31.28
CA LEU B 248 6.32 -4.47 -30.13
C LEU B 248 7.53 -4.58 -29.21
N CYS B 249 7.97 -5.82 -28.96
CA CYS B 249 9.12 -6.06 -28.09
C CYS B 249 10.37 -5.39 -28.64
N ALA B 250 10.64 -5.60 -29.92
CA ALA B 250 11.81 -5.01 -30.57
C ALA B 250 11.71 -3.49 -30.45
N SER B 251 10.56 -2.95 -30.79
CA SER B 251 10.36 -1.50 -30.70
C SER B 251 10.60 -0.98 -29.29
N LEU B 252 10.13 -1.72 -28.29
CA LEU B 252 10.32 -1.31 -26.90
C LEU B 252 11.76 -1.42 -26.44
N LEU B 253 12.47 -2.43 -26.93
CA LEU B 253 13.87 -2.63 -26.54
C LEU B 253 14.75 -1.58 -27.21
N GLU B 254 14.28 -1.04 -28.33
CA GLU B 254 15.04 -0.03 -29.07
C GLU B 254 14.90 1.31 -28.36
N ILE B 255 13.65 1.74 -28.15
CA ILE B 255 13.40 3.00 -27.48
C ILE B 255 13.82 2.91 -26.02
N ALA B 256 14.30 1.73 -25.61
CA ALA B 256 14.73 1.51 -24.23
C ALA B 256 16.03 2.24 -23.90
N HIS B 257 16.45 3.13 -24.81
CA HIS B 257 17.68 3.89 -24.63
C HIS B 257 17.87 4.95 -25.73
N LYS B 258 17.51 4.61 -26.97
CA LYS B 258 17.66 5.53 -28.08
C LYS B 258 17.11 6.90 -27.72
N GLU C 3 -22.97 14.61 12.15
CA GLU C 3 -22.27 15.74 11.45
C GLU C 3 -20.85 15.97 11.98
N GLY C 4 -20.08 14.89 12.05
CA GLY C 4 -18.70 15.01 12.52
C GLY C 4 -17.85 15.57 11.40
N LYS C 5 -16.80 16.31 11.73
CA LYS C 5 -15.95 16.90 10.70
C LYS C 5 -14.55 16.28 10.64
N HIS C 6 -13.95 16.30 9.46
CA HIS C 6 -12.60 15.75 9.28
C HIS C 6 -11.62 16.89 9.12
N PHE C 7 -10.85 17.15 10.18
CA PHE C 7 -9.85 18.20 10.20
C PHE C 7 -8.49 17.63 9.77
N VAL C 8 -7.88 18.26 8.77
CA VAL C 8 -6.57 17.84 8.30
C VAL C 8 -5.58 18.91 8.77
N LEU C 9 -4.74 18.55 9.73
CA LEU C 9 -3.76 19.47 10.29
C LEU C 9 -2.41 19.33 9.60
N VAL C 10 -1.90 20.47 9.14
CA VAL C 10 -0.64 20.50 8.41
C VAL C 10 0.38 21.41 9.06
N HIS C 11 1.42 20.78 9.57
CA HIS C 11 2.51 21.44 10.28
C HIS C 11 3.36 22.41 9.48
N GLY C 12 4.10 23.23 10.21
CA GLY C 12 4.97 24.22 9.60
C GLY C 12 6.36 23.70 9.31
N ALA C 13 7.21 24.60 8.83
CA ALA C 13 8.58 24.21 8.50
C ALA C 13 9.30 23.71 9.76
N CYS C 14 10.10 22.67 9.57
CA CYS C 14 10.91 22.07 10.65
C CYS C 14 10.16 21.28 11.70
N HIS C 15 8.85 21.19 11.56
CA HIS C 15 8.03 20.46 12.51
C HIS C 15 7.42 19.25 11.83
N GLY C 16 6.45 18.64 12.51
CA GLY C 16 5.79 17.47 11.96
C GLY C 16 4.40 17.33 12.56
N GLY C 17 3.74 16.21 12.30
CA GLY C 17 2.40 16.02 12.84
C GLY C 17 2.33 16.11 14.36
N TRP C 18 3.43 15.75 15.02
CA TRP C 18 3.52 15.77 16.47
C TRP C 18 3.19 17.12 17.09
N SER C 19 3.38 18.19 16.33
CA SER C 19 3.12 19.53 16.86
C SER C 19 1.67 19.72 17.26
N TRP C 20 0.77 18.97 16.66
CA TRP C 20 -0.64 19.11 16.96
C TRP C 20 -1.13 18.21 18.11
N TYR C 21 -0.21 17.59 18.83
CA TYR C 21 -0.59 16.67 19.91
C TYR C 21 -1.51 17.20 20.99
N LYS C 22 -1.51 18.52 21.22
CA LYS C 22 -2.38 19.09 22.23
C LYS C 22 -3.74 19.40 21.60
N LEU C 23 -3.74 19.82 20.35
CA LEU C 23 -5.00 20.16 19.68
C LEU C 23 -5.83 18.95 19.25
N LYS C 24 -5.17 17.98 18.63
CA LYS C 24 -5.84 16.78 18.12
C LYS C 24 -6.86 16.17 19.07
N PRO C 25 -6.46 15.88 20.32
CA PRO C 25 -7.38 15.30 21.30
C PRO C 25 -8.59 16.18 21.57
N LEU C 26 -8.40 17.51 21.56
CA LEU C 26 -9.52 18.41 21.81
C LEU C 26 -10.56 18.35 20.68
N LEU C 27 -10.10 18.36 19.43
CA LEU C 27 -11.02 18.29 18.29
C LEU C 27 -11.76 16.96 18.26
N GLU C 28 -11.07 15.88 18.59
CA GLU C 28 -11.69 14.56 18.58
C GLU C 28 -12.69 14.47 19.73
N ALA C 29 -12.36 15.06 20.87
CA ALA C 29 -13.29 15.01 21.99
C ALA C 29 -14.59 15.68 21.59
N ALA C 30 -14.49 16.64 20.68
CA ALA C 30 -15.66 17.37 20.18
C ALA C 30 -16.41 16.56 19.13
N GLY C 31 -16.00 15.31 18.92
CA GLY C 31 -16.67 14.45 17.96
C GLY C 31 -16.21 14.55 16.51
N HIS C 32 -15.02 15.09 16.29
CA HIS C 32 -14.49 15.23 14.94
C HIS C 32 -13.32 14.30 14.66
N LYS C 33 -13.10 14.03 13.38
CA LYS C 33 -12.00 13.17 12.93
C LYS C 33 -10.83 14.10 12.69
N VAL C 34 -9.63 13.65 13.06
CA VAL C 34 -8.44 14.48 12.88
C VAL C 34 -7.28 13.70 12.30
N THR C 35 -6.58 14.30 11.36
CA THR C 35 -5.41 13.67 10.76
C THR C 35 -4.26 14.69 10.85
N ALA C 36 -3.24 14.35 11.63
CA ALA C 36 -2.07 15.21 11.79
C ALA C 36 -0.95 14.50 11.05
N LEU C 37 -0.89 14.68 9.73
CA LEU C 37 0.13 14.00 8.95
C LEU C 37 1.52 14.63 8.99
N ASP C 38 2.51 13.85 8.59
CA ASP C 38 3.90 14.30 8.51
C ASP C 38 4.09 14.58 7.03
N LEU C 39 4.66 15.72 6.69
CA LEU C 39 4.92 15.99 5.30
C LEU C 39 6.26 15.30 5.05
N ALA C 40 6.72 15.33 3.80
CA ALA C 40 8.00 14.72 3.45
C ALA C 40 9.16 15.27 4.30
N ALA C 41 10.08 14.39 4.66
CA ALA C 41 11.25 14.74 5.47
C ALA C 41 10.89 15.49 6.74
N SER C 42 9.71 15.21 7.28
CA SER C 42 9.26 15.86 8.50
C SER C 42 8.84 14.80 9.52
N GLY C 43 8.91 15.14 10.80
CA GLY C 43 8.54 14.19 11.84
C GLY C 43 9.32 12.90 11.69
N THR C 44 8.62 11.77 11.56
CA THR C 44 9.29 10.48 11.41
C THR C 44 9.46 10.03 9.96
N ASP C 45 9.07 10.88 9.02
CA ASP C 45 9.23 10.53 7.61
C ASP C 45 10.70 10.32 7.32
N LEU C 46 11.04 9.17 6.72
CA LEU C 46 12.42 8.81 6.44
C LEU C 46 13.12 9.57 5.32
N ARG C 47 12.38 10.32 4.52
CA ARG C 47 13.02 11.08 3.45
C ARG C 47 13.89 12.18 4.03
N LYS C 48 14.91 12.56 3.28
CA LYS C 48 15.83 13.60 3.69
C LYS C 48 15.48 14.89 2.94
N ILE C 49 15.79 16.04 3.54
CA ILE C 49 15.47 17.31 2.91
C ILE C 49 16.12 17.45 1.53
N GLU C 50 17.35 16.96 1.39
CA GLU C 50 18.08 17.03 0.12
C GLU C 50 17.37 16.31 -1.03
N GLU C 51 16.37 15.50 -0.69
CA GLU C 51 15.60 14.73 -1.67
C GLU C 51 14.44 15.56 -2.19
N LEU C 52 14.15 16.67 -1.51
CA LEU C 52 13.04 17.52 -1.90
C LEU C 52 13.59 18.69 -2.69
N ARG C 53 13.00 18.93 -3.88
CA ARG C 53 13.47 20.01 -4.72
C ARG C 53 12.41 21.06 -4.97
N THR C 54 11.15 20.68 -4.74
CA THR C 54 10.05 21.60 -4.95
C THR C 54 9.04 21.52 -3.82
N LEU C 55 8.12 22.48 -3.81
CA LEU C 55 7.08 22.53 -2.81
C LEU C 55 6.22 21.28 -2.94
N TYR C 56 5.98 20.87 -4.17
CA TYR C 56 5.15 19.69 -4.42
C TYR C 56 5.75 18.42 -3.80
N ASP C 57 7.07 18.22 -3.95
CA ASP C 57 7.73 17.04 -3.40
C ASP C 57 7.49 16.97 -1.89
N TYR C 58 7.56 18.14 -1.26
CA TYR C 58 7.37 18.27 0.19
C TYR C 58 5.94 18.02 0.60
N THR C 59 5.01 18.43 -0.25
CA THR C 59 3.58 18.30 0.01
C THR C 59 2.99 16.94 -0.34
N LEU C 60 3.79 16.12 -1.00
CA LEU C 60 3.35 14.79 -1.43
C LEU C 60 2.44 14.08 -0.44
N PRO C 61 2.85 13.98 0.84
CA PRO C 61 1.99 13.30 1.81
C PRO C 61 0.58 13.90 1.90
N LEU C 62 0.48 15.22 1.78
CA LEU C 62 -0.83 15.86 1.85
C LEU C 62 -1.65 15.54 0.59
N MSE C 63 -0.99 15.53 -0.56
CA MSE C 63 -1.67 15.24 -1.82
C MSE C 63 -2.21 13.81 -1.82
O MSE C 63 -3.29 13.53 -2.35
CB MSE C 63 -0.71 15.45 -3.00
CG MSE C 63 -0.05 16.82 -3.03
SE MSE C 63 -1.34 18.28 -3.15
CE MSE C 63 -1.33 18.50 -5.10
N GLU C 64 -1.46 12.89 -1.22
CA GLU C 64 -1.91 11.49 -1.15
C GLU C 64 -3.14 11.42 -0.26
N LEU C 65 -3.16 12.19 0.82
CA LEU C 65 -4.31 12.18 1.72
C LEU C 65 -5.55 12.69 1.01
N MSE C 66 -5.38 13.76 0.25
CA MSE C 66 -6.51 14.33 -0.47
C MSE C 66 -7.15 13.30 -1.42
O MSE C 66 -8.37 13.18 -1.49
CB MSE C 66 -6.07 15.59 -1.23
CG MSE C 66 -5.64 16.74 -0.30
SE MSE C 66 -6.97 17.14 1.06
CE MSE C 66 -8.39 17.83 -0.06
N GLU C 67 -6.31 12.54 -2.11
CA GLU C 67 -6.80 11.51 -3.05
C GLU C 67 -7.39 10.27 -2.37
N SER C 68 -7.06 10.05 -1.10
CA SER C 68 -7.58 8.89 -0.40
C SER C 68 -8.96 9.18 0.15
N LEU C 69 -9.33 10.46 0.15
CA LEU C 69 -10.62 10.90 0.65
C LEU C 69 -11.79 10.26 -0.08
N SER C 70 -12.80 9.85 0.68
CA SER C 70 -13.99 9.23 0.12
C SER C 70 -14.64 10.16 -0.89
N ALA C 71 -15.52 9.61 -1.71
CA ALA C 71 -16.22 10.37 -2.73
C ALA C 71 -16.89 11.61 -2.16
N ASP C 72 -17.87 11.40 -1.27
CA ASP C 72 -18.61 12.50 -0.68
C ASP C 72 -18.09 12.90 0.70
N GLU C 73 -16.77 12.91 0.84
CA GLU C 73 -16.16 13.29 2.10
C GLU C 73 -15.26 14.51 1.92
N LYS C 74 -15.62 15.62 2.57
CA LYS C 74 -14.83 16.84 2.49
C LYS C 74 -14.04 17.05 3.79
N VAL C 75 -13.05 17.93 3.75
CA VAL C 75 -12.28 18.16 4.97
C VAL C 75 -12.05 19.64 5.21
N ILE C 76 -11.62 19.97 6.44
CA ILE C 76 -11.28 21.34 6.75
C ILE C 76 -9.77 21.29 6.88
N LEU C 77 -9.09 22.09 6.08
CA LEU C 77 -7.64 22.13 6.06
C LEU C 77 -7.14 23.22 7.01
N VAL C 78 -6.18 22.85 7.86
CA VAL C 78 -5.61 23.82 8.79
C VAL C 78 -4.11 23.79 8.59
N GLY C 79 -3.57 24.90 8.07
CA GLY C 79 -2.15 24.99 7.82
C GLY C 79 -1.46 25.98 8.73
N HIS C 80 -0.34 25.56 9.30
CA HIS C 80 0.41 26.41 10.21
C HIS C 80 1.73 26.83 9.60
N SER C 81 2.07 28.12 9.73
CA SER C 81 3.24 28.58 9.26
C SER C 81 3.45 28.22 7.79
N LEU C 82 4.55 27.55 7.46
CA LEU C 82 4.83 27.17 6.06
C LEU C 82 3.73 26.25 5.54
N GLY C 83 3.03 25.59 6.46
CA GLY C 83 1.95 24.70 6.08
C GLY C 83 0.93 25.39 5.20
N GLY C 84 0.94 26.72 5.21
CA GLY C 84 -0.01 27.48 4.41
C GLY C 84 0.25 27.27 2.92
N MSE C 85 1.52 27.16 2.56
CA MSE C 85 1.91 26.95 1.18
C MSE C 85 1.49 25.53 0.76
O MSE C 85 1.06 25.32 -0.37
CB MSE C 85 3.42 27.13 1.01
CG MSE C 85 3.94 28.53 1.38
SE MSE C 85 3.07 29.98 0.39
CE MSE C 85 3.48 29.36 -1.42
N ASN C 86 1.63 24.56 1.66
CA ASN C 86 1.24 23.20 1.34
C ASN C 86 -0.25 23.20 1.03
N LEU C 87 -1.00 23.93 1.83
CA LEU C 87 -2.45 24.05 1.67
C LEU C 87 -2.81 24.62 0.30
N GLY C 88 -1.98 25.53 -0.20
CA GLY C 88 -2.22 26.15 -1.50
C GLY C 88 -2.27 25.12 -2.60
N LEU C 89 -1.30 24.20 -2.61
CA LEU C 89 -1.26 23.18 -3.64
C LEU C 89 -2.46 22.24 -3.57
N ALA C 90 -2.88 21.91 -2.36
CA ALA C 90 -4.03 21.01 -2.22
C ALA C 90 -5.30 21.72 -2.64
N MSE C 91 -5.36 23.02 -2.41
CA MSE C 91 -6.52 23.81 -2.77
C MSE C 91 -6.63 23.97 -4.28
O MSE C 91 -7.73 23.97 -4.83
CB MSE C 91 -6.45 25.21 -2.13
CG MSE C 91 -6.63 25.21 -0.64
SE MSE C 91 -5.84 26.78 0.18
CE MSE C 91 -7.28 28.03 -0.09
N GLU C 92 -5.49 24.10 -4.94
CA GLU C 92 -5.48 24.25 -6.38
C GLU C 92 -5.84 22.94 -7.07
N LYS C 93 -5.45 21.81 -6.49
CA LYS C 93 -5.74 20.52 -7.13
C LYS C 93 -7.07 19.87 -6.77
N TYR C 94 -7.51 20.03 -5.53
CA TYR C 94 -8.76 19.43 -5.06
C TYR C 94 -9.67 20.46 -4.39
N PRO C 95 -9.94 21.58 -5.07
CA PRO C 95 -10.79 22.62 -4.49
C PRO C 95 -12.15 22.12 -3.98
N GLN C 96 -12.76 21.21 -4.71
CA GLN C 96 -14.07 20.71 -4.30
C GLN C 96 -14.06 19.76 -3.12
N LYS C 97 -12.88 19.33 -2.71
CA LYS C 97 -12.76 18.41 -1.58
C LYS C 97 -12.48 19.11 -0.25
N ILE C 98 -12.52 20.44 -0.28
CA ILE C 98 -12.23 21.22 0.90
C ILE C 98 -13.37 22.16 1.31
N TYR C 99 -13.85 21.99 2.55
CA TYR C 99 -14.91 22.83 3.07
C TYR C 99 -14.37 24.24 3.27
N ALA C 100 -13.20 24.33 3.89
CA ALA C 100 -12.54 25.61 4.14
C ALA C 100 -11.07 25.37 4.39
N ALA C 101 -10.25 26.36 4.07
CA ALA C 101 -8.82 26.29 4.28
C ALA C 101 -8.53 27.32 5.36
N VAL C 102 -7.97 26.87 6.47
CA VAL C 102 -7.66 27.73 7.60
C VAL C 102 -6.15 27.96 7.68
N PHE C 103 -5.75 29.23 7.68
CA PHE C 103 -4.34 29.57 7.74
C PHE C 103 -4.03 30.09 9.14
N LEU C 104 -3.34 29.27 9.94
CA LEU C 104 -2.98 29.66 11.30
C LEU C 104 -1.58 30.26 11.32
N ALA C 105 -1.49 31.59 11.51
CA ALA C 105 -0.19 32.28 11.51
C ALA C 105 0.65 31.68 10.40
N ALA C 106 0.01 31.48 9.25
CA ALA C 106 0.68 30.85 8.13
C ALA C 106 0.96 31.77 6.95
N PHE C 107 1.72 31.24 6.00
CA PHE C 107 2.00 31.98 4.79
C PHE C 107 0.79 31.61 3.93
N MSE C 108 0.12 32.62 3.40
CA MSE C 108 -1.06 32.42 2.57
C MSE C 108 -0.79 33.09 1.23
O MSE C 108 -0.67 34.31 1.14
CB MSE C 108 -2.29 33.05 3.26
CG MSE C 108 -3.59 32.98 2.48
SE MSE C 108 -5.05 33.59 3.58
CE MSE C 108 -4.55 35.48 3.66
N PRO C 109 -0.66 32.28 0.17
CA PRO C 109 -0.40 32.71 -1.20
C PRO C 109 -1.62 33.36 -1.84
N ASP C 110 -1.42 33.78 -3.09
CA ASP C 110 -2.49 34.36 -3.88
C ASP C 110 -2.39 33.78 -5.28
N SER C 111 -3.35 34.12 -6.13
CA SER C 111 -3.38 33.61 -7.49
C SER C 111 -3.18 34.75 -8.47
N VAL C 112 -2.35 35.72 -8.09
CA VAL C 112 -2.06 36.86 -8.94
C VAL C 112 -0.59 36.92 -9.32
N HIS C 113 0.27 36.87 -8.31
CA HIS C 113 1.71 36.93 -8.54
C HIS C 113 2.27 35.51 -8.59
N ASN C 114 3.59 35.40 -8.75
CA ASN C 114 4.23 34.10 -8.76
C ASN C 114 4.01 33.55 -7.37
N SER C 115 4.11 32.23 -7.24
CA SER C 115 3.85 31.54 -5.98
C SER C 115 4.77 31.87 -4.81
N SER C 116 5.95 32.40 -5.11
CA SER C 116 6.91 32.75 -4.07
C SER C 116 6.61 34.15 -3.53
N PHE C 117 5.65 34.84 -4.12
CA PHE C 117 5.29 36.19 -3.72
C PHE C 117 5.28 36.49 -2.22
N VAL C 118 4.41 35.85 -1.45
CA VAL C 118 4.38 36.17 -0.03
C VAL C 118 5.67 35.84 0.72
N LEU C 119 6.39 34.81 0.29
CA LEU C 119 7.64 34.43 0.93
C LEU C 119 8.69 35.49 0.66
N GLU C 120 8.70 36.04 -0.55
CA GLU C 120 9.65 37.09 -0.88
C GLU C 120 9.30 38.32 -0.06
N GLN C 121 8.00 38.63 0.02
CA GLN C 121 7.53 39.77 0.81
C GLN C 121 7.89 39.61 2.28
N TYR C 122 7.82 38.38 2.79
CA TYR C 122 8.15 38.10 4.19
C TYR C 122 9.62 38.40 4.48
N ASN C 123 10.50 37.91 3.62
CA ASN C 123 11.94 38.09 3.78
C ASN C 123 12.35 39.55 3.58
N GLU C 124 11.60 40.26 2.76
CA GLU C 124 11.90 41.66 2.50
C GLU C 124 11.39 42.61 3.60
N ARG C 125 10.31 42.24 4.28
CA ARG C 125 9.76 43.08 5.34
C ARG C 125 10.27 42.66 6.71
N THR C 126 10.98 41.54 6.74
CA THR C 126 11.53 41.02 7.99
C THR C 126 13.05 41.05 7.92
N PRO C 127 13.69 41.79 8.84
CA PRO C 127 15.14 41.95 8.93
C PRO C 127 15.88 40.63 9.11
N ALA C 128 17.04 40.52 8.46
CA ALA C 128 17.85 39.32 8.52
C ALA C 128 18.22 38.92 9.95
N GLU C 129 18.45 39.92 10.79
CA GLU C 129 18.84 39.65 12.18
C GLU C 129 17.77 38.91 13.00
N ASN C 130 16.53 38.94 12.53
CA ASN C 130 15.43 38.27 13.22
C ASN C 130 15.53 36.75 13.15
N TRP C 131 16.35 36.25 12.23
CA TRP C 131 16.52 34.81 12.05
C TRP C 131 17.37 34.19 13.15
N LEU C 132 18.13 35.04 13.83
CA LEU C 132 19.01 34.61 14.90
C LEU C 132 19.91 33.45 14.46
N ASP C 133 19.80 32.31 15.12
CA ASP C 133 20.66 31.17 14.78
C ASP C 133 20.15 30.20 13.71
N THR C 134 19.06 30.55 13.04
CA THR C 134 18.52 29.69 11.99
C THR C 134 19.60 29.46 10.95
N GLN C 135 19.69 28.24 10.44
CA GLN C 135 20.70 27.89 9.43
C GLN C 135 20.10 27.82 8.03
N PHE C 136 20.76 28.48 7.09
CA PHE C 136 20.36 28.49 5.69
C PHE C 136 21.54 27.93 4.91
N LEU C 137 21.37 26.73 4.36
CA LEU C 137 22.44 26.09 3.62
C LEU C 137 22.02 25.64 2.23
N PRO C 138 22.91 25.81 1.24
CA PRO C 138 22.58 25.40 -0.13
C PRO C 138 22.86 23.90 -0.27
N TYR C 139 22.00 23.21 -1.01
CA TYR C 139 22.19 21.79 -1.26
C TYR C 139 21.93 21.48 -2.73
N GLY C 140 21.88 22.53 -3.53
CA GLY C 140 21.66 22.38 -4.97
C GLY C 140 22.89 22.84 -5.73
N SER C 141 22.70 23.50 -6.87
CA SER C 141 23.82 23.99 -7.66
C SER C 141 23.54 25.42 -8.13
N PRO C 142 24.58 26.11 -8.63
CA PRO C 142 24.40 27.49 -9.11
C PRO C 142 23.28 27.68 -10.15
N GLU C 143 23.09 26.69 -11.02
CA GLU C 143 22.04 26.80 -12.03
C GLU C 143 20.69 26.27 -11.53
N GLU C 144 20.74 25.31 -10.61
CA GLU C 144 19.55 24.73 -10.02
C GLU C 144 19.70 24.84 -8.50
N PRO C 145 19.66 26.07 -7.98
CA PRO C 145 19.82 26.32 -6.56
C PRO C 145 18.76 25.69 -5.65
N LEU C 146 19.19 25.24 -4.49
CA LEU C 146 18.32 24.66 -3.48
C LEU C 146 18.91 25.06 -2.13
N THR C 147 18.03 25.48 -1.22
CA THR C 147 18.47 25.93 0.10
C THR C 147 17.58 25.37 1.20
N SER C 148 18.22 24.81 2.23
CA SER C 148 17.52 24.23 3.38
C SER C 148 17.50 25.24 4.52
N MSE C 149 16.43 25.21 5.31
CA MSE C 149 16.26 26.11 6.46
C MSE C 149 16.11 25.27 7.73
O MSE C 149 15.26 24.37 7.78
CB MSE C 149 15.02 26.98 6.25
CG MSE C 149 14.65 27.85 7.42
SE MSE C 149 13.07 28.96 7.10
CE MSE C 149 11.70 27.59 7.03
N PHE C 150 16.92 25.55 8.74
CA PHE C 150 16.84 24.80 9.99
C PHE C 150 16.89 25.75 11.19
N PHE C 151 15.79 25.84 11.93
CA PHE C 151 15.72 26.72 13.09
C PHE C 151 16.68 26.27 14.20
N GLY C 152 17.46 27.21 14.71
CA GLY C 152 18.38 26.90 15.78
C GLY C 152 17.66 27.04 17.11
N PRO C 153 18.29 26.66 18.23
CA PRO C 153 17.67 26.76 19.57
C PRO C 153 17.26 28.18 19.98
N LYS C 154 18.05 29.18 19.60
CA LYS C 154 17.73 30.56 19.95
C LYS C 154 16.49 31.04 19.20
N PHE C 155 16.49 30.82 17.88
CA PHE C 155 15.35 31.24 17.08
C PHE C 155 14.09 30.55 17.57
N LEU C 156 14.20 29.28 17.95
CA LEU C 156 13.03 28.54 18.43
C LEU C 156 12.48 29.12 19.73
N ALA C 157 13.38 29.35 20.69
CA ALA C 157 12.97 29.86 21.99
C ALA C 157 12.61 31.35 22.01
N HIS C 158 13.33 32.15 21.23
CA HIS C 158 13.08 33.59 21.22
C HIS C 158 12.05 34.08 20.21
N LYS C 159 11.89 33.38 19.09
CA LYS C 159 10.95 33.84 18.07
C LYS C 159 9.68 33.02 17.88
N LEU C 160 9.72 31.73 18.22
CA LEU C 160 8.57 30.87 18.01
C LEU C 160 7.82 30.41 19.27
N TYR C 161 8.58 29.97 20.28
CA TYR C 161 8.05 29.46 21.53
C TYR C 161 8.20 30.39 22.74
N GLN C 162 8.45 31.67 22.55
CA GLN C 162 8.66 32.55 23.70
C GLN C 162 7.57 32.51 24.76
N LEU C 163 6.36 32.14 24.35
CA LEU C 163 5.23 32.09 25.27
C LEU C 163 4.77 30.66 25.56
N CYS C 164 5.63 29.69 25.24
CA CYS C 164 5.32 28.28 25.46
C CYS C 164 6.08 27.76 26.69
N SER C 165 5.64 26.61 27.19
CA SER C 165 6.28 26.01 28.36
C SER C 165 7.67 25.49 28.07
N PRO C 166 8.44 25.21 29.13
CA PRO C 166 9.80 24.69 28.90
C PRO C 166 9.73 23.27 28.34
N GLU C 167 8.66 22.56 28.66
CA GLU C 167 8.48 21.19 28.19
C GLU C 167 8.29 21.22 26.67
N ASP C 168 7.45 22.15 26.19
CA ASP C 168 7.21 22.25 24.77
C ASP C 168 8.49 22.60 24.01
N LEU C 169 9.31 23.48 24.56
CA LEU C 169 10.56 23.86 23.91
C LEU C 169 11.53 22.67 23.85
N ALA C 170 11.48 21.82 24.88
CA ALA C 170 12.34 20.64 24.95
C ALA C 170 11.92 19.63 23.90
N LEU C 171 10.60 19.49 23.71
CA LEU C 171 10.06 18.57 22.73
C LEU C 171 10.48 19.01 21.33
N ALA C 172 10.38 20.30 21.07
CA ALA C 172 10.74 20.84 19.75
C ALA C 172 12.22 20.68 19.47
N SER C 173 13.05 20.93 20.48
CA SER C 173 14.48 20.82 20.30
C SER C 173 14.95 19.39 19.99
N SER C 174 14.14 18.38 20.35
CA SER C 174 14.53 17.00 20.09
C SER C 174 13.86 16.43 18.83
N LEU C 175 12.93 17.17 18.25
CA LEU C 175 12.25 16.71 17.06
C LEU C 175 12.43 17.57 15.81
N VAL C 176 12.87 18.82 15.95
CA VAL C 176 13.01 19.66 14.76
C VAL C 176 13.98 19.13 13.71
N ARG C 177 13.62 19.28 12.44
CA ARG C 177 14.47 18.82 11.34
C ARG C 177 14.56 19.92 10.29
N PRO C 178 15.62 19.88 9.46
CA PRO C 178 15.78 20.89 8.41
C PRO C 178 14.61 20.88 7.44
N SER C 179 14.32 22.03 6.86
CA SER C 179 13.22 22.16 5.92
C SER C 179 13.67 23.10 4.82
N SER C 180 12.72 23.72 4.13
CA SER C 180 13.04 24.66 3.06
C SER C 180 11.81 25.49 2.72
N LEU C 181 12.04 26.68 2.17
CA LEU C 181 10.94 27.55 1.76
C LEU C 181 10.69 27.30 0.26
N PHE C 182 11.57 26.52 -0.36
CA PHE C 182 11.44 26.19 -1.78
C PHE C 182 11.21 27.43 -2.66
N MSE C 183 11.91 28.51 -2.32
CA MSE C 183 11.82 29.79 -3.05
C MSE C 183 12.11 29.61 -4.55
O MSE C 183 11.36 30.08 -5.40
CB MSE C 183 12.84 30.79 -2.51
CG MSE C 183 12.82 31.03 -1.01
SE MSE C 183 11.79 32.59 -0.47
CE MSE C 183 12.64 33.95 -1.56
N GLU C 184 13.23 28.96 -4.84
CA GLU C 184 13.65 28.72 -6.22
C GLU C 184 12.51 28.16 -7.06
N ASP C 185 11.92 27.06 -6.61
CA ASP C 185 10.81 26.41 -7.29
C ASP C 185 9.60 27.32 -7.47
N LEU C 186 9.15 27.90 -6.35
CA LEU C 186 7.99 28.77 -6.32
C LEU C 186 8.13 30.08 -7.09
N SER C 187 9.35 30.58 -7.23
CA SER C 187 9.54 31.85 -7.93
C SER C 187 9.40 31.70 -9.45
N LYS C 188 9.56 30.47 -9.94
CA LYS C 188 9.50 30.21 -11.36
C LYS C 188 8.14 29.76 -11.90
N ALA C 189 7.08 29.89 -11.10
CA ALA C 189 5.77 29.47 -11.55
C ALA C 189 4.62 30.09 -10.79
N LYS C 190 3.43 29.97 -11.36
CA LYS C 190 2.22 30.48 -10.74
C LYS C 190 1.34 29.26 -10.59
N TYR C 191 1.55 28.52 -9.51
CA TYR C 191 0.81 27.29 -9.24
C TYR C 191 -0.63 27.47 -8.84
N PHE C 192 -1.00 28.67 -8.43
CA PHE C 192 -2.37 28.94 -7.98
C PHE C 192 -3.20 29.80 -8.94
N THR C 193 -4.44 29.40 -9.16
CA THR C 193 -5.35 30.12 -10.06
C THR C 193 -6.64 30.51 -9.32
N ASP C 194 -7.27 31.61 -9.74
CA ASP C 194 -8.50 32.07 -9.09
C ASP C 194 -9.64 31.07 -9.21
N GLU C 195 -9.65 30.32 -10.32
CA GLU C 195 -10.70 29.35 -10.60
C GLU C 195 -10.72 28.16 -9.64
N ARG C 196 -9.54 27.70 -9.24
CA ARG C 196 -9.45 26.55 -8.34
C ARG C 196 -9.05 27.00 -6.93
N PHE C 197 -7.78 27.38 -6.76
CA PHE C 197 -7.30 27.85 -5.46
C PHE C 197 -8.18 28.95 -4.89
N GLY C 198 -8.41 29.99 -5.68
CA GLY C 198 -9.21 31.11 -5.23
C GLY C 198 -10.67 30.83 -4.93
N SER C 199 -11.17 29.68 -5.37
CA SER C 199 -12.57 29.35 -5.13
C SER C 199 -12.78 28.76 -3.75
N VAL C 200 -11.69 28.37 -3.08
CA VAL C 200 -11.79 27.78 -1.75
C VAL C 200 -11.92 28.83 -0.65
N LYS C 201 -12.89 28.63 0.23
CA LYS C 201 -13.16 29.53 1.36
C LYS C 201 -11.91 29.67 2.23
N ARG C 202 -11.44 30.90 2.41
CA ARG C 202 -10.25 31.11 3.22
C ARG C 202 -10.55 31.72 4.59
N VAL C 203 -9.86 31.21 5.61
CA VAL C 203 -10.02 31.73 6.96
C VAL C 203 -8.61 31.92 7.53
N TYR C 204 -8.37 33.06 8.17
CA TYR C 204 -7.05 33.28 8.73
C TYR C 204 -7.14 33.46 10.25
N ILE C 205 -6.23 32.83 10.99
CA ILE C 205 -6.21 32.98 12.44
C ILE C 205 -4.92 33.70 12.78
N VAL C 206 -5.06 34.92 13.25
CA VAL C 206 -3.92 35.74 13.61
C VAL C 206 -3.44 35.45 15.03
N CYS C 207 -2.14 35.32 15.20
CA CYS C 207 -1.61 35.09 16.53
C CYS C 207 -0.88 36.39 16.85
N THR C 208 -1.51 37.22 17.69
CA THR C 208 -1.00 38.55 18.04
C THR C 208 0.42 38.68 18.56
N GLU C 209 0.87 37.73 19.36
CA GLU C 209 2.21 37.77 19.91
C GLU C 209 3.25 37.00 19.11
N ASP C 210 2.96 36.73 17.83
CA ASP C 210 3.91 35.99 16.99
C ASP C 210 5.14 36.81 16.68
N LYS C 211 6.32 36.25 16.93
CA LYS C 211 7.58 36.93 16.64
C LYS C 211 8.33 36.23 15.51
N GLY C 212 7.76 35.13 15.01
CA GLY C 212 8.39 34.42 13.91
C GLY C 212 7.87 35.00 12.61
N ILE C 213 6.55 35.11 12.55
CA ILE C 213 5.82 35.70 11.44
C ILE C 213 4.96 36.71 12.20
N PRO C 214 5.50 37.93 12.38
CA PRO C 214 4.84 39.03 13.11
C PRO C 214 3.41 39.34 12.68
N GLU C 215 2.62 39.80 13.63
CA GLU C 215 1.23 40.13 13.39
C GLU C 215 1.08 41.05 12.20
N GLU C 216 1.99 42.02 12.08
CA GLU C 216 1.95 42.97 10.97
C GLU C 216 1.96 42.22 9.63
N PHE C 217 2.87 41.26 9.49
CA PHE C 217 2.93 40.52 8.24
C PHE C 217 1.68 39.66 8.02
N GLN C 218 1.18 39.05 9.09
CA GLN C 218 -0.03 38.24 8.97
C GLN C 218 -1.15 39.13 8.42
N ARG C 219 -1.35 40.31 9.01
CA ARG C 219 -2.39 41.22 8.55
C ARG C 219 -2.16 41.61 7.10
N TRP C 220 -0.89 41.82 6.74
CA TRP C 220 -0.51 42.18 5.40
C TRP C 220 -0.97 41.11 4.39
N GLN C 221 -0.75 39.84 4.73
CA GLN C 221 -1.14 38.77 3.83
C GLN C 221 -2.65 38.72 3.67
N ILE C 222 -3.35 39.00 4.76
CA ILE C 222 -4.82 39.02 4.75
C ILE C 222 -5.30 40.13 3.82
N ASP C 223 -4.66 41.29 3.93
CA ASP C 223 -5.02 42.44 3.10
C ASP C 223 -4.58 42.27 1.65
N ASN C 224 -3.71 41.30 1.40
CA ASN C 224 -3.19 41.06 0.05
C ASN C 224 -4.16 40.27 -0.83
N ILE C 225 -4.93 39.37 -0.25
CA ILE C 225 -5.87 38.58 -1.04
C ILE C 225 -7.28 38.59 -0.50
N GLY C 226 -7.42 38.87 0.79
CA GLY C 226 -8.73 38.87 1.40
C GLY C 226 -9.10 37.47 1.86
N VAL C 227 -9.91 37.39 2.92
CA VAL C 227 -10.37 36.11 3.48
C VAL C 227 -11.85 36.20 3.83
N THR C 228 -12.50 35.05 3.92
CA THR C 228 -13.92 35.01 4.27
C THR C 228 -14.13 35.40 5.73
N GLU C 229 -13.10 35.15 6.55
CA GLU C 229 -13.18 35.47 7.97
C GLU C 229 -11.79 35.49 8.59
N ALA C 230 -11.52 36.51 9.40
CA ALA C 230 -10.23 36.63 10.07
C ALA C 230 -10.46 36.56 11.58
N ILE C 231 -10.00 35.46 12.18
CA ILE C 231 -10.14 35.23 13.62
C ILE C 231 -8.83 35.65 14.29
N GLU C 232 -8.90 35.97 15.56
CA GLU C 232 -7.71 36.40 16.27
C GLU C 232 -7.55 35.68 17.61
N ILE C 233 -6.34 35.22 17.91
CA ILE C 233 -6.07 34.57 19.19
C ILE C 233 -5.07 35.47 19.92
N LYS C 234 -5.59 36.36 20.74
CA LYS C 234 -4.75 37.30 21.49
C LYS C 234 -3.86 36.59 22.51
N GLY C 235 -2.58 36.95 22.53
CA GLY C 235 -1.66 36.35 23.48
C GLY C 235 -0.92 35.11 23.01
N ALA C 236 -1.30 34.57 21.86
CA ALA C 236 -0.64 33.38 21.34
C ALA C 236 0.61 33.71 20.56
N ASP C 237 1.67 32.94 20.75
CA ASP C 237 2.90 33.15 20.02
C ASP C 237 2.77 32.35 18.72
N HIS C 238 3.88 32.11 18.03
CA HIS C 238 3.82 31.39 16.76
C HIS C 238 3.24 29.97 16.89
N MSE C 239 3.47 29.34 18.04
CA MSE C 239 2.98 27.98 18.30
C MSE C 239 1.66 27.99 19.07
O MSE C 239 1.60 27.54 20.21
CB MSE C 239 4.03 27.19 19.10
CG MSE C 239 5.44 27.26 18.55
SE MSE C 239 5.58 26.82 16.63
CE MSE C 239 5.13 24.94 16.71
N ALA C 240 0.60 28.49 18.45
CA ALA C 240 -0.70 28.57 19.11
C ALA C 240 -1.26 27.23 19.56
N MSE C 241 -0.96 26.16 18.80
CA MSE C 241 -1.48 24.86 19.18
C MSE C 241 -0.81 24.31 20.44
O MSE C 241 -1.26 23.32 21.00
CB MSE C 241 -1.31 23.85 18.02
CG MSE C 241 0.13 23.42 17.74
SE MSE C 241 1.20 24.77 16.87
CE MSE C 241 0.65 24.44 15.05
N LEU C 242 0.25 24.98 20.89
CA LEU C 242 0.95 24.54 22.09
C LEU C 242 0.70 25.48 23.28
N CYS C 243 0.68 26.79 23.04
CA CYS C 243 0.45 27.73 24.13
C CYS C 243 -1.02 28.10 24.33
N GLU C 244 -1.85 27.85 23.33
CA GLU C 244 -3.27 28.16 23.47
C GLU C 244 -4.11 27.14 22.72
N PRO C 245 -3.93 25.85 23.04
CA PRO C 245 -4.70 24.82 22.36
C PRO C 245 -6.21 24.89 22.53
N GLN C 246 -6.66 25.32 23.72
CA GLN C 246 -8.10 25.40 23.96
C GLN C 246 -8.76 26.49 23.13
N LYS C 247 -8.16 27.67 23.10
CA LYS C 247 -8.71 28.77 22.31
C LYS C 247 -8.67 28.40 20.83
N LEU C 248 -7.58 27.78 20.39
CA LEU C 248 -7.46 27.37 19.00
C LEU C 248 -8.58 26.40 18.66
N CYS C 249 -8.79 25.41 19.53
CA CYS C 249 -9.84 24.43 19.29
C CYS C 249 -11.18 25.14 19.14
N ALA C 250 -11.48 26.05 20.06
CA ALA C 250 -12.75 26.80 20.02
C ALA C 250 -12.89 27.56 18.70
N SER C 251 -11.82 28.23 18.28
CA SER C 251 -11.82 28.97 17.02
C SER C 251 -12.18 28.07 15.85
N LEU C 252 -11.53 26.92 15.78
CA LEU C 252 -11.75 25.97 14.71
C LEU C 252 -13.16 25.40 14.72
N LEU C 253 -13.75 25.26 15.91
CA LEU C 253 -15.09 24.74 16.02
C LEU C 253 -16.11 25.76 15.58
N GLU C 254 -15.77 27.03 15.76
CA GLU C 254 -16.63 28.15 15.38
C GLU C 254 -16.65 28.27 13.86
N ILE C 255 -15.47 28.42 13.28
CA ILE C 255 -15.36 28.54 11.84
C ILE C 255 -15.90 27.28 11.17
N ALA C 256 -16.05 26.21 11.94
CA ALA C 256 -16.56 24.95 11.42
C ALA C 256 -18.08 24.98 11.21
N HIS C 257 -18.64 26.19 11.23
CA HIS C 257 -20.08 26.38 11.01
C HIS C 257 -20.42 27.84 10.80
N LYS C 258 -19.39 28.67 10.64
CA LYS C 258 -19.61 30.10 10.44
C LYS C 258 -20.55 30.39 9.28
N TYR C 259 -20.00 30.40 8.06
CA TYR C 259 -20.83 30.67 6.89
C TYR C 259 -21.69 29.46 6.56
N GLU D 3 29.47 21.03 41.61
CA GLU D 3 28.16 20.31 41.54
C GLU D 3 27.53 20.35 40.14
N GLY D 4 26.47 19.58 39.96
CA GLY D 4 25.81 19.51 38.66
C GLY D 4 26.23 18.26 37.92
N LYS D 5 25.35 17.26 37.91
CA LYS D 5 25.66 16.01 37.24
C LYS D 5 25.15 15.95 35.82
N HIS D 6 25.50 14.88 35.13
CA HIS D 6 25.09 14.69 33.75
C HIS D 6 24.20 13.47 33.64
N PHE D 7 22.94 13.70 33.29
CA PHE D 7 21.96 12.62 33.15
C PHE D 7 21.82 12.16 31.70
N VAL D 8 22.13 10.89 31.45
CA VAL D 8 22.01 10.33 30.11
C VAL D 8 20.73 9.51 30.10
N LEU D 9 19.71 10.01 29.41
CA LEU D 9 18.42 9.34 29.33
C LEU D 9 18.30 8.51 28.05
N VAL D 10 18.01 7.22 28.22
CA VAL D 10 17.89 6.29 27.12
C VAL D 10 16.48 5.71 27.00
N HIS D 11 15.79 6.09 25.93
CA HIS D 11 14.43 5.68 25.65
C HIS D 11 14.25 4.17 25.41
N GLY D 12 13.00 3.76 25.33
CA GLY D 12 12.70 2.35 25.10
C GLY D 12 12.43 2.04 23.64
N ALA D 13 11.89 0.85 23.41
CA ALA D 13 11.58 0.40 22.07
C ALA D 13 10.44 1.21 21.46
N CYS D 14 10.62 1.58 20.20
CA CYS D 14 9.62 2.32 19.44
C CYS D 14 9.48 3.79 19.85
N HIS D 15 10.34 4.24 20.75
CA HIS D 15 10.33 5.62 21.21
C HIS D 15 11.64 6.31 20.86
N GLY D 16 11.81 7.53 21.36
CA GLY D 16 13.01 8.29 21.09
C GLY D 16 13.28 9.31 22.17
N GLY D 17 14.28 10.15 21.96
CA GLY D 17 14.64 11.17 22.94
C GLY D 17 13.48 12.07 23.32
N TRP D 18 12.56 12.29 22.39
CA TRP D 18 11.40 13.14 22.64
C TRP D 18 10.60 12.71 23.86
N SER D 19 10.61 11.41 24.15
CA SER D 19 9.83 10.90 25.28
C SER D 19 10.19 11.53 26.62
N TRP D 20 11.40 12.06 26.72
CA TRP D 20 11.86 12.69 27.97
C TRP D 20 11.61 14.19 28.04
N TYR D 21 10.86 14.72 27.09
CA TYR D 21 10.61 16.16 27.03
C TYR D 21 10.06 16.83 28.28
N LYS D 22 9.31 16.08 29.10
CA LYS D 22 8.74 16.64 30.33
C LYS D 22 9.74 16.54 31.49
N LEU D 23 10.64 15.56 31.42
CA LEU D 23 11.64 15.35 32.47
C LEU D 23 12.86 16.25 32.32
N LYS D 24 13.40 16.29 31.10
CA LYS D 24 14.59 17.09 30.79
C LYS D 24 14.61 18.49 31.42
N PRO D 25 13.55 19.29 31.20
CA PRO D 25 13.47 20.65 31.76
C PRO D 25 13.55 20.67 33.28
N LEU D 26 13.05 19.60 33.91
CA LEU D 26 13.05 19.54 35.37
C LEU D 26 14.45 19.33 35.92
N LEU D 27 15.19 18.42 35.29
CA LEU D 27 16.55 18.12 35.70
C LEU D 27 17.46 19.32 35.45
N GLU D 28 17.21 20.05 34.36
CA GLU D 28 18.02 21.22 34.05
C GLU D 28 17.73 22.34 35.05
N ALA D 29 16.46 22.51 35.42
CA ALA D 29 16.11 23.55 36.36
C ALA D 29 16.84 23.35 37.68
N ALA D 30 17.14 22.09 37.99
CA ALA D 30 17.85 21.75 39.21
C ALA D 30 19.35 21.91 39.02
N GLY D 31 19.73 22.46 37.88
CA GLY D 31 21.14 22.71 37.60
C GLY D 31 21.97 21.53 37.13
N HIS D 32 21.33 20.60 36.43
CA HIS D 32 22.03 19.42 35.92
C HIS D 32 22.04 19.39 34.40
N LYS D 33 22.96 18.62 33.82
CA LYS D 33 23.06 18.48 32.39
C LYS D 33 22.29 17.24 31.98
N VAL D 34 21.55 17.33 30.89
CA VAL D 34 20.75 16.22 30.41
C VAL D 34 20.91 15.96 28.92
N THR D 35 21.07 14.69 28.57
CA THR D 35 21.18 14.32 27.17
C THR D 35 20.10 13.27 26.92
N ALA D 36 19.13 13.61 26.10
CA ALA D 36 18.05 12.70 25.77
C ALA D 36 18.31 12.30 24.32
N LEU D 37 19.23 11.35 24.11
CA LEU D 37 19.56 10.97 22.75
C LEU D 37 18.57 10.06 22.04
N ASP D 38 18.76 9.93 20.74
CA ASP D 38 17.94 9.05 19.92
C ASP D 38 18.83 7.85 19.62
N LEU D 39 18.30 6.65 19.80
CA LEU D 39 19.09 5.48 19.48
C LEU D 39 18.94 5.29 17.97
N ALA D 40 19.70 4.35 17.42
CA ALA D 40 19.65 4.10 15.97
C ALA D 40 18.21 3.85 15.53
N ALA D 41 17.86 4.39 14.37
CA ALA D 41 16.52 4.25 13.78
C ALA D 41 15.39 4.62 14.75
N SER D 42 15.67 5.54 15.67
CA SER D 42 14.67 5.97 16.64
C SER D 42 14.53 7.49 16.65
N GLY D 43 13.33 7.98 16.93
CA GLY D 43 13.10 9.41 16.96
C GLY D 43 13.29 10.00 15.57
N THR D 44 14.20 10.94 15.42
CA THR D 44 14.43 11.54 14.11
C THR D 44 15.65 10.96 13.40
N ASP D 45 16.21 9.86 13.92
CA ASP D 45 17.38 9.25 13.29
C ASP D 45 16.94 8.62 11.96
N LEU D 46 17.66 8.94 10.88
CA LEU D 46 17.31 8.46 9.55
C LEU D 46 17.53 6.97 9.26
N ARG D 47 18.20 6.27 10.18
CA ARG D 47 18.44 4.85 9.99
C ARG D 47 17.11 4.11 10.00
N LYS D 48 17.06 2.97 9.30
CA LYS D 48 15.86 2.15 9.24
C LYS D 48 16.06 0.94 10.13
N ILE D 49 14.95 0.43 10.68
CA ILE D 49 15.03 -0.73 11.56
C ILE D 49 15.61 -1.94 10.86
N GLU D 50 15.43 -2.04 9.55
CA GLU D 50 15.96 -3.19 8.81
C GLU D 50 17.47 -3.14 8.69
N GLU D 51 18.07 -2.00 9.00
CA GLU D 51 19.52 -1.85 8.92
C GLU D 51 20.17 -2.27 10.23
N LEU D 52 19.37 -2.63 11.22
CA LEU D 52 19.91 -3.03 12.51
C LEU D 52 19.79 -4.54 12.68
N ARG D 53 20.91 -5.22 12.78
CA ARG D 53 20.89 -6.67 12.94
C ARG D 53 21.29 -7.11 14.34
N THR D 54 21.93 -6.23 15.10
CA THR D 54 22.35 -6.55 16.46
C THR D 54 21.96 -5.44 17.43
N LEU D 55 22.00 -5.77 18.73
CA LEU D 55 21.66 -4.80 19.75
C LEU D 55 22.69 -3.68 19.71
N TYR D 56 23.91 -4.03 19.35
CA TYR D 56 24.99 -3.05 19.28
C TYR D 56 24.72 -1.95 18.26
N ASP D 57 24.29 -2.34 17.05
CA ASP D 57 23.99 -1.36 16.00
C ASP D 57 22.97 -0.37 16.52
N TYR D 58 21.94 -0.89 17.18
CA TYR D 58 20.86 -0.11 17.74
C TYR D 58 21.36 0.83 18.84
N THR D 59 22.34 0.35 19.61
CA THR D 59 22.91 1.09 20.75
C THR D 59 24.06 2.01 20.36
N LEU D 60 24.55 1.88 19.13
CA LEU D 60 25.67 2.68 18.67
C LEU D 60 25.70 4.13 19.16
N PRO D 61 24.59 4.86 18.99
CA PRO D 61 24.53 6.26 19.44
C PRO D 61 24.95 6.44 20.91
N LEU D 62 24.44 5.56 21.76
CA LEU D 62 24.78 5.62 23.19
C LEU D 62 26.27 5.33 23.35
N MSE D 63 26.77 4.34 22.62
CA MSE D 63 28.18 3.99 22.72
C MSE D 63 29.09 5.16 22.34
O MSE D 63 30.12 5.40 22.98
CB MSE D 63 28.49 2.78 21.84
CG MSE D 63 27.65 1.55 22.19
SE MSE D 63 27.83 1.00 24.05
CE MSE D 63 29.43 -0.09 23.85
N GLU D 64 28.70 5.90 21.31
CA GLU D 64 29.47 7.05 20.84
C GLU D 64 29.45 8.19 21.86
N LEU D 65 28.29 8.40 22.48
CA LEU D 65 28.16 9.44 23.49
C LEU D 65 29.02 9.09 24.71
N MSE D 66 28.93 7.84 25.16
CA MSE D 66 29.70 7.41 26.32
C MSE D 66 31.20 7.54 26.08
O MSE D 66 31.96 7.81 27.00
CB MSE D 66 29.39 5.95 26.66
CG MSE D 66 28.00 5.68 27.17
SE MSE D 66 27.59 6.69 28.78
CE MSE D 66 28.83 5.81 29.98
N GLU D 67 31.63 7.34 24.83
CA GLU D 67 33.05 7.44 24.52
C GLU D 67 33.55 8.88 24.47
N SER D 68 32.65 9.83 24.22
CA SER D 68 33.02 11.25 24.14
C SER D 68 33.08 11.87 25.52
N LEU D 69 32.62 11.13 26.54
CA LEU D 69 32.60 11.63 27.90
C LEU D 69 33.99 11.89 28.48
N SER D 70 34.17 13.10 29.01
CA SER D 70 35.44 13.48 29.60
C SER D 70 35.79 12.56 30.75
N ALA D 71 37.09 12.40 30.98
CA ALA D 71 37.59 11.53 32.03
C ALA D 71 36.93 11.82 33.38
N ASP D 72 36.67 13.09 33.67
CA ASP D 72 36.06 13.45 34.95
C ASP D 72 34.60 13.86 34.78
N GLU D 73 33.92 13.30 33.80
CA GLU D 73 32.52 13.63 33.58
C GLU D 73 31.64 12.39 33.72
N LYS D 74 31.54 11.85 34.93
CA LYS D 74 30.70 10.67 35.14
C LYS D 74 29.24 10.98 34.92
N VAL D 75 28.46 9.98 34.55
CA VAL D 75 27.05 10.20 34.28
C VAL D 75 26.14 9.23 35.01
N ILE D 76 24.86 9.58 35.01
CA ILE D 76 23.84 8.77 35.64
C ILE D 76 23.00 8.24 34.49
N LEU D 77 23.23 6.98 34.12
CA LEU D 77 22.49 6.36 33.03
C LEU D 77 21.09 5.98 33.47
N VAL D 78 20.10 6.42 32.71
CA VAL D 78 18.72 6.11 33.01
C VAL D 78 18.16 5.40 31.79
N GLY D 79 17.81 4.13 31.98
CA GLY D 79 17.26 3.35 30.89
C GLY D 79 15.80 3.04 31.11
N HIS D 80 14.97 3.32 30.11
CA HIS D 80 13.55 3.04 30.20
C HIS D 80 13.20 1.88 29.28
N SER D 81 12.36 0.97 29.78
CA SER D 81 11.94 -0.09 29.09
C SER D 81 13.08 -0.89 28.46
N LEU D 82 13.05 -1.10 27.15
CA LEU D 82 14.12 -1.86 26.47
C LEU D 82 15.44 -1.16 26.70
N GLY D 83 15.36 0.15 26.94
CA GLY D 83 16.56 0.95 27.17
C GLY D 83 17.47 0.31 28.20
N GLY D 84 16.89 -0.50 29.07
CA GLY D 84 17.70 -1.18 30.08
C GLY D 84 18.73 -2.07 29.40
N MSE D 85 18.33 -2.73 28.31
CA MSE D 85 19.25 -3.61 27.59
C MSE D 85 20.37 -2.78 26.96
O MSE D 85 21.52 -3.23 26.89
CB MSE D 85 18.51 -4.40 26.51
CG MSE D 85 17.47 -5.36 27.05
SE MSE D 85 18.22 -6.63 28.34
CE MSE D 85 19.22 -7.75 27.11
N ASN D 86 20.03 -1.58 26.51
CA ASN D 86 21.02 -0.69 25.91
C ASN D 86 22.05 -0.26 26.95
N LEU D 87 21.61 -0.02 28.17
CA LEU D 87 22.51 0.38 29.25
C LEU D 87 23.54 -0.71 29.55
N GLY D 88 23.12 -1.95 29.35
CA GLY D 88 24.02 -3.08 29.59
C GLY D 88 25.31 -2.96 28.82
N LEU D 89 25.21 -2.66 27.52
CA LEU D 89 26.40 -2.53 26.69
C LEU D 89 27.27 -1.36 27.15
N ALA D 90 26.64 -0.27 27.54
CA ALA D 90 27.38 0.91 27.99
C ALA D 90 28.10 0.61 29.30
N MSE D 91 27.43 -0.12 30.18
CA MSE D 91 28.01 -0.47 31.47
C MSE D 91 29.17 -1.44 31.29
O MSE D 91 30.17 -1.34 31.97
CB MSE D 91 26.95 -1.10 32.36
CG MSE D 91 25.92 -0.10 32.87
SE MSE D 91 24.26 -0.95 33.21
CE MSE D 91 24.67 -1.70 34.96
N GLU D 92 29.01 -2.37 30.35
CA GLU D 92 30.05 -3.34 30.10
C GLU D 92 31.31 -2.72 29.52
N LYS D 93 31.16 -1.66 28.74
CA LYS D 93 32.30 -1.00 28.11
C LYS D 93 32.83 0.22 28.85
N TYR D 94 31.95 0.96 29.51
CA TYR D 94 32.37 2.16 30.23
C TYR D 94 31.87 2.11 31.67
N PRO D 95 32.14 1.00 32.38
CA PRO D 95 31.70 0.85 33.77
C PRO D 95 32.08 1.98 34.72
N GLN D 96 33.32 2.45 34.61
CA GLN D 96 33.80 3.50 35.49
C GLN D 96 33.39 4.92 35.10
N LYS D 97 32.57 5.05 34.07
CA LYS D 97 32.10 6.37 33.65
C LYS D 97 30.64 6.51 34.11
N ILE D 98 30.19 5.55 34.92
CA ILE D 98 28.81 5.53 35.39
C ILE D 98 28.66 5.61 36.91
N TYR D 99 28.05 6.68 37.39
CA TYR D 99 27.81 6.89 38.82
C TYR D 99 26.88 5.78 39.28
N ALA D 100 25.80 5.59 38.52
CA ALA D 100 24.82 4.56 38.81
C ALA D 100 23.96 4.34 37.57
N ALA D 101 23.48 3.12 37.41
CA ALA D 101 22.64 2.78 36.28
C ALA D 101 21.23 2.64 36.82
N VAL D 102 20.32 3.44 36.29
CA VAL D 102 18.93 3.43 36.73
C VAL D 102 18.01 2.79 35.71
N PHE D 103 17.26 1.80 36.17
CA PHE D 103 16.31 1.09 35.31
C PHE D 103 14.87 1.47 35.62
N LEU D 104 14.30 2.29 34.75
CA LEU D 104 12.92 2.72 34.89
C LEU D 104 12.01 1.77 34.14
N ALA D 105 11.28 0.94 34.89
CA ALA D 105 10.37 -0.04 34.30
C ALA D 105 11.06 -0.65 33.08
N ALA D 106 12.33 -1.01 33.25
CA ALA D 106 13.11 -1.54 32.16
C ALA D 106 13.45 -3.03 32.27
N PHE D 107 14.10 -3.54 31.22
CA PHE D 107 14.54 -4.91 31.24
C PHE D 107 15.95 -4.76 31.75
N MSE D 108 16.21 -5.34 32.91
CA MSE D 108 17.51 -5.25 33.52
C MSE D 108 18.22 -6.60 33.44
O MSE D 108 17.81 -7.57 34.08
CB MSE D 108 17.36 -4.80 34.98
CG MSE D 108 18.67 -4.71 35.76
SE MSE D 108 18.34 -4.27 37.61
CE MSE D 108 17.37 -5.87 38.08
N PRO D 109 19.31 -6.66 32.65
CA PRO D 109 20.14 -7.85 32.43
C PRO D 109 21.13 -8.03 33.57
N ASP D 110 22.04 -8.98 33.40
CA ASP D 110 23.08 -9.24 34.39
C ASP D 110 24.18 -10.08 33.75
N SER D 111 25.28 -10.25 34.49
CA SER D 111 26.41 -11.04 34.02
C SER D 111 26.36 -12.45 34.60
N VAL D 112 25.17 -12.86 35.03
CA VAL D 112 24.99 -14.18 35.62
C VAL D 112 24.31 -15.14 34.63
N HIS D 113 23.15 -14.74 34.14
CA HIS D 113 22.39 -15.56 33.20
C HIS D 113 22.70 -15.17 31.77
N ASN D 114 22.08 -15.88 30.82
CA ASN D 114 22.25 -15.57 29.41
C ASN D 114 21.73 -14.16 29.21
N SER D 115 22.40 -13.35 28.38
CA SER D 115 21.98 -11.97 28.14
C SER D 115 20.51 -11.81 27.74
N SER D 116 19.92 -12.83 27.10
CA SER D 116 18.52 -12.73 26.70
C SER D 116 17.56 -13.29 27.74
N PHE D 117 18.10 -13.70 28.88
CA PHE D 117 17.28 -14.29 29.93
C PHE D 117 16.03 -13.50 30.34
N VAL D 118 16.21 -12.25 30.74
CA VAL D 118 15.06 -11.46 31.17
C VAL D 118 14.01 -11.30 30.06
N LEU D 119 14.46 -11.20 28.81
CA LEU D 119 13.52 -11.08 27.69
C LEU D 119 12.76 -12.38 27.52
N GLU D 120 13.49 -13.50 27.56
CA GLU D 120 12.85 -14.81 27.43
C GLU D 120 11.81 -15.01 28.54
N GLN D 121 12.17 -14.66 29.78
CA GLN D 121 11.22 -14.82 30.88
C GLN D 121 10.00 -13.95 30.65
N TYR D 122 10.23 -12.72 30.18
CA TYR D 122 9.12 -11.82 29.91
C TYR D 122 8.23 -12.42 28.83
N ASN D 123 8.83 -12.86 27.74
CA ASN D 123 8.07 -13.43 26.64
C ASN D 123 7.21 -14.61 27.07
N GLU D 124 7.70 -15.40 28.00
CA GLU D 124 6.97 -16.57 28.49
C GLU D 124 5.79 -16.19 29.38
N ARG D 125 5.97 -15.14 30.19
CA ARG D 125 4.89 -14.71 31.08
C ARG D 125 3.96 -13.75 30.34
N THR D 126 4.15 -13.61 29.04
CA THR D 126 3.33 -12.71 28.25
C THR D 126 2.58 -13.41 27.12
N PRO D 127 1.27 -13.64 27.30
CA PRO D 127 0.49 -14.29 26.24
C PRO D 127 0.40 -13.39 25.01
N ALA D 128 0.28 -14.01 23.84
CA ALA D 128 0.20 -13.29 22.58
C ALA D 128 -0.85 -12.19 22.57
N GLU D 129 -2.01 -12.47 23.16
CA GLU D 129 -3.10 -11.50 23.19
C GLU D 129 -2.71 -10.14 23.79
N ASN D 130 -1.90 -10.18 24.83
CA ASN D 130 -1.45 -8.95 25.50
C ASN D 130 -0.80 -7.96 24.53
N TRP D 131 -0.23 -8.45 23.45
CA TRP D 131 0.44 -7.59 22.47
C TRP D 131 -0.54 -6.77 21.64
N LEU D 132 -1.82 -7.13 21.70
CA LEU D 132 -2.87 -6.44 20.96
C LEU D 132 -2.53 -6.29 19.48
N ASP D 133 -2.50 -5.05 19.01
CA ASP D 133 -2.20 -4.77 17.60
C ASP D 133 -0.72 -4.54 17.30
N THR D 134 0.15 -4.99 18.18
CA THR D 134 1.58 -4.79 17.92
C THR D 134 1.98 -5.59 16.69
N GLN D 135 2.85 -5.02 15.85
CA GLN D 135 3.29 -5.71 14.64
C GLN D 135 4.65 -6.33 14.77
N PHE D 136 4.68 -7.64 14.56
CA PHE D 136 5.93 -8.37 14.60
C PHE D 136 6.14 -8.89 13.18
N LEU D 137 7.20 -8.43 12.53
CA LEU D 137 7.49 -8.86 11.16
C LEU D 137 8.95 -9.28 10.98
N PRO D 138 9.19 -10.27 10.13
CA PRO D 138 10.57 -10.73 9.89
C PRO D 138 11.24 -9.90 8.81
N TYR D 139 12.53 -9.64 8.98
CA TYR D 139 13.27 -8.88 7.98
C TYR D 139 14.66 -9.48 7.81
N GLY D 140 14.81 -10.72 8.27
CA GLY D 140 16.09 -11.39 8.15
C GLY D 140 16.00 -12.51 7.13
N SER D 141 16.39 -13.71 7.56
CA SER D 141 16.33 -14.88 6.69
C SER D 141 16.15 -16.12 7.56
N PRO D 142 15.67 -17.22 6.97
CA PRO D 142 15.45 -18.45 7.74
C PRO D 142 16.73 -18.93 8.44
N GLU D 143 17.89 -18.52 7.94
CA GLU D 143 19.16 -18.91 8.54
C GLU D 143 19.64 -17.84 9.52
N GLU D 144 19.32 -16.59 9.22
CA GLU D 144 19.69 -15.46 10.08
C GLU D 144 18.40 -14.70 10.37
N PRO D 145 17.50 -15.29 11.17
CA PRO D 145 16.22 -14.66 11.52
C PRO D 145 16.30 -13.33 12.27
N LEU D 146 15.54 -12.35 11.80
CA LEU D 146 15.46 -11.03 12.41
C LEU D 146 14.01 -10.63 12.45
N THR D 147 13.57 -10.12 13.59
CA THR D 147 12.19 -9.71 13.75
C THR D 147 12.09 -8.27 14.24
N SER D 148 11.13 -7.54 13.70
CA SER D 148 10.92 -6.15 14.09
C SER D 148 9.63 -6.10 14.89
N MSE D 149 9.60 -5.17 15.84
CA MSE D 149 8.44 -4.98 16.71
C MSE D 149 7.97 -3.55 16.58
O MSE D 149 8.78 -2.62 16.70
CB MSE D 149 8.85 -5.28 18.16
CG MSE D 149 7.76 -5.03 19.18
SE MSE D 149 8.40 -5.42 20.97
CE MSE D 149 9.78 -4.09 21.08
N PHE D 150 6.68 -3.37 16.34
CA PHE D 150 6.10 -2.04 16.17
C PHE D 150 4.77 -1.92 16.91
N PHE D 151 4.78 -1.17 18.01
CA PHE D 151 3.58 -0.96 18.83
C PHE D 151 2.44 -0.29 18.08
N GLY D 152 1.25 -0.86 18.21
CA GLY D 152 0.09 -0.30 17.56
C GLY D 152 -0.57 0.70 18.49
N PRO D 153 -1.55 1.48 18.00
CA PRO D 153 -2.25 2.48 18.82
C PRO D 153 -2.99 1.88 20.00
N LYS D 154 -3.58 0.70 19.80
CA LYS D 154 -4.33 0.04 20.86
C LYS D 154 -3.40 -0.38 22.00
N PHE D 155 -2.28 -0.99 21.63
CA PHE D 155 -1.30 -1.44 22.59
C PHE D 155 -0.74 -0.27 23.40
N LEU D 156 -0.46 0.83 22.73
CA LEU D 156 0.08 2.01 23.40
C LEU D 156 -0.90 2.57 24.42
N ALA D 157 -2.16 2.63 24.05
CA ALA D 157 -3.23 3.18 24.88
C ALA D 157 -3.66 2.29 26.04
N HIS D 158 -3.71 0.99 25.79
CA HIS D 158 -4.15 0.05 26.82
C HIS D 158 -3.04 -0.51 27.71
N LYS D 159 -1.87 -0.75 27.13
CA LYS D 159 -0.76 -1.33 27.89
C LYS D 159 0.36 -0.39 28.35
N LEU D 160 0.57 0.72 27.64
CA LEU D 160 1.64 1.64 28.00
C LEU D 160 1.24 3.02 28.50
N TYR D 161 0.14 3.55 27.97
CA TYR D 161 -0.34 4.91 28.33
C TYR D 161 -1.70 4.98 29.01
N GLN D 162 -2.18 3.87 29.59
CA GLN D 162 -3.50 3.86 30.22
C GLN D 162 -3.72 4.97 31.27
N LEU D 163 -2.65 5.48 31.87
CA LEU D 163 -2.79 6.54 32.87
C LEU D 163 -2.22 7.85 32.38
N CYS D 164 -1.84 7.91 31.11
CA CYS D 164 -1.28 9.14 30.55
C CYS D 164 -2.38 9.98 29.91
N SER D 165 -2.10 11.26 29.68
CA SER D 165 -3.11 12.15 29.09
C SER D 165 -3.37 11.85 27.63
N PRO D 166 -4.54 12.28 27.12
CA PRO D 166 -4.83 12.03 25.71
C PRO D 166 -3.81 12.72 24.80
N GLU D 167 -3.21 13.80 25.30
CA GLU D 167 -2.21 14.54 24.54
C GLU D 167 -0.94 13.70 24.42
N ASP D 168 -0.55 13.06 25.52
CA ASP D 168 0.64 12.25 25.50
C ASP D 168 0.48 11.07 24.55
N LEU D 169 -0.72 10.52 24.49
CA LEU D 169 -1.00 9.39 23.60
C LEU D 169 -0.95 9.84 22.15
N ALA D 170 -1.50 11.01 21.87
CA ALA D 170 -1.50 11.54 20.49
C ALA D 170 -0.05 11.76 20.06
N LEU D 171 0.76 12.27 20.98
CA LEU D 171 2.15 12.53 20.67
C LEU D 171 2.87 11.24 20.33
N ALA D 172 2.76 10.25 21.21
CA ALA D 172 3.39 8.96 20.98
C ALA D 172 2.91 8.29 19.69
N SER D 173 1.61 8.38 19.41
CA SER D 173 1.06 7.76 18.21
C SER D 173 1.60 8.34 16.92
N SER D 174 2.04 9.60 16.97
CA SER D 174 2.57 10.24 15.77
C SER D 174 4.09 10.15 15.70
N LEU D 175 4.72 9.56 16.73
CA LEU D 175 6.17 9.46 16.74
C LEU D 175 6.74 8.05 16.88
N VAL D 176 5.93 7.09 17.35
CA VAL D 176 6.42 5.72 17.50
C VAL D 176 6.88 5.15 16.16
N ARG D 177 8.00 4.42 16.19
CA ARG D 177 8.56 3.81 14.99
C ARG D 177 8.88 2.34 15.28
N PRO D 178 9.01 1.52 14.22
CA PRO D 178 9.31 0.11 14.43
C PRO D 178 10.64 -0.10 15.17
N SER D 179 10.69 -1.12 16.03
CA SER D 179 11.88 -1.43 16.81
C SER D 179 12.12 -2.94 16.82
N SER D 180 12.79 -3.43 17.86
CA SER D 180 13.07 -4.86 17.96
C SER D 180 13.62 -5.21 19.34
N LEU D 181 13.29 -6.39 19.84
CA LEU D 181 13.78 -6.83 21.14
C LEU D 181 15.15 -7.46 20.97
N PHE D 182 15.52 -7.73 19.71
CA PHE D 182 16.82 -8.32 19.39
C PHE D 182 17.09 -9.60 20.19
N MSE D 183 16.05 -10.42 20.34
CA MSE D 183 16.13 -11.68 21.08
C MSE D 183 17.22 -12.58 20.51
O MSE D 183 18.17 -12.94 21.20
CB MSE D 183 14.78 -12.41 21.00
CG MSE D 183 13.63 -11.68 21.65
SE MSE D 183 13.01 -12.59 23.25
CE MSE D 183 11.74 -13.81 22.46
N GLU D 184 17.05 -12.94 19.25
CA GLU D 184 17.99 -13.79 18.53
C GLU D 184 19.44 -13.39 18.77
N ASP D 185 19.74 -12.11 18.58
CA ASP D 185 21.09 -11.61 18.77
C ASP D 185 21.58 -11.70 20.21
N LEU D 186 20.68 -11.46 21.15
CA LEU D 186 21.02 -11.49 22.57
C LEU D 186 21.17 -12.91 23.13
N SER D 187 20.68 -13.90 22.39
CA SER D 187 20.76 -15.28 22.85
C SER D 187 22.11 -15.90 22.52
N LYS D 188 22.88 -15.23 21.66
CA LYS D 188 24.18 -15.74 21.27
C LYS D 188 25.27 -15.43 22.30
N ALA D 189 24.89 -14.72 23.36
CA ALA D 189 25.83 -14.38 24.43
C ALA D 189 25.12 -13.67 25.57
N TYR D 191 26.99 -11.03 26.97
CA TYR D 191 27.73 -9.83 26.58
C TYR D 191 28.14 -9.01 27.79
N PHE D 192 27.68 -9.41 28.97
CA PHE D 192 28.00 -8.69 30.19
C PHE D 192 28.78 -9.56 31.17
N THR D 193 29.87 -9.01 31.70
CA THR D 193 30.73 -9.71 32.65
C THR D 193 30.65 -9.11 34.07
N ASP D 194 30.98 -9.92 35.07
CA ASP D 194 30.95 -9.48 36.46
C ASP D 194 31.92 -8.33 36.70
N GLU D 195 33.13 -8.48 36.19
CA GLU D 195 34.20 -7.50 36.33
C GLU D 195 33.91 -6.09 35.82
N ARG D 196 33.12 -5.99 34.74
CA ARG D 196 32.81 -4.69 34.18
C ARG D 196 31.36 -4.30 34.43
N PHE D 197 30.43 -5.01 33.80
CA PHE D 197 29.00 -4.72 33.98
C PHE D 197 28.57 -4.83 35.44
N GLY D 198 29.02 -5.90 36.09
CA GLY D 198 28.65 -6.16 37.47
C GLY D 198 29.28 -5.26 38.50
N SER D 199 30.10 -4.31 38.07
CA SER D 199 30.74 -3.40 39.00
C SER D 199 29.95 -2.11 39.13
N VAL D 200 28.94 -1.95 38.28
CA VAL D 200 28.11 -0.74 38.30
C VAL D 200 26.87 -0.93 39.16
N LYS D 201 26.63 0.03 40.04
CA LYS D 201 25.47 -0.01 40.92
C LYS D 201 24.19 0.09 40.11
N ARG D 202 23.22 -0.76 40.44
CA ARG D 202 21.96 -0.75 39.74
C ARG D 202 20.82 -0.29 40.63
N VAL D 203 20.02 0.65 40.13
CA VAL D 203 18.88 1.15 40.88
C VAL D 203 17.66 0.95 39.97
N TYR D 204 16.67 0.25 40.50
CA TYR D 204 15.46 -0.01 39.73
C TYR D 204 14.30 0.81 40.25
N ILE D 205 13.59 1.47 39.34
CA ILE D 205 12.44 2.28 39.69
C ILE D 205 11.22 1.55 39.19
N VAL D 206 10.37 1.15 40.11
CA VAL D 206 9.17 0.40 39.78
C VAL D 206 7.98 1.30 39.52
N CYS D 207 7.20 0.94 38.50
CA CYS D 207 6.02 1.69 38.17
C CYS D 207 4.84 0.77 38.45
N THR D 208 4.31 0.94 39.65
CA THR D 208 3.20 0.14 40.19
C THR D 208 2.04 -0.17 39.27
N GLU D 209 1.67 0.78 38.42
CA GLU D 209 0.54 0.54 37.53
C GLU D 209 0.94 0.16 36.11
N ASP D 210 2.20 -0.20 35.94
CA ASP D 210 2.71 -0.58 34.62
C ASP D 210 1.98 -1.81 34.06
N LYS D 211 1.50 -1.72 32.82
CA LYS D 211 0.79 -2.82 32.19
C LYS D 211 1.56 -3.38 30.99
N GLY D 212 2.55 -2.62 30.52
CA GLY D 212 3.35 -3.08 29.40
C GLY D 212 4.32 -4.12 29.94
N ILE D 213 4.99 -3.73 31.03
CA ILE D 213 5.92 -4.59 31.74
C ILE D 213 5.38 -4.53 33.16
N PRO D 214 4.38 -5.38 33.46
CA PRO D 214 3.74 -5.44 34.78
C PRO D 214 4.64 -5.33 35.99
N GLU D 215 4.09 -4.80 37.08
CA GLU D 215 4.83 -4.61 38.33
C GLU D 215 5.39 -5.93 38.82
N GLU D 216 4.60 -6.99 38.67
CA GLU D 216 5.03 -8.31 39.12
C GLU D 216 6.30 -8.73 38.41
N PHE D 217 6.43 -8.38 37.13
CA PHE D 217 7.64 -8.76 36.41
C PHE D 217 8.81 -7.90 36.86
N GLN D 218 8.55 -6.64 37.19
CA GLN D 218 9.62 -5.73 37.64
C GLN D 218 10.16 -6.20 38.99
N ARG D 219 9.24 -6.65 39.84
CA ARG D 219 9.60 -7.15 41.17
C ARG D 219 10.46 -8.41 40.98
N TRP D 220 10.00 -9.27 40.08
CA TRP D 220 10.70 -10.52 39.76
C TRP D 220 12.16 -10.23 39.42
N GLN D 221 12.39 -9.19 38.62
CA GLN D 221 13.74 -8.82 38.21
C GLN D 221 14.56 -8.32 39.40
N ILE D 222 13.91 -7.62 40.31
CA ILE D 222 14.60 -7.10 41.49
C ILE D 222 15.02 -8.27 42.38
N ASP D 223 14.11 -9.22 42.55
CA ASP D 223 14.35 -10.39 43.38
C ASP D 223 15.37 -11.35 42.77
N ASN D 224 15.18 -11.70 41.50
CA ASN D 224 16.07 -12.63 40.81
C ASN D 224 17.37 -12.06 40.25
N ILE D 225 17.30 -10.88 39.63
CA ILE D 225 18.50 -10.25 39.07
C ILE D 225 19.26 -9.46 40.11
N GLY D 226 18.54 -8.88 41.07
CA GLY D 226 19.19 -8.11 42.11
C GLY D 226 19.54 -6.69 41.72
N VAL D 227 19.44 -5.79 42.70
CA VAL D 227 19.73 -4.38 42.48
C VAL D 227 20.37 -3.79 43.73
N THR D 228 21.05 -2.66 43.56
CA THR D 228 21.69 -1.99 44.68
C THR D 228 20.62 -1.30 45.51
N GLU D 229 19.53 -0.92 44.87
CA GLU D 229 18.42 -0.24 45.53
C GLU D 229 17.19 -0.27 44.65
N ALA D 230 16.03 -0.35 45.28
CA ALA D 230 14.76 -0.37 44.56
C ALA D 230 13.87 0.77 45.03
N ILE D 231 13.40 1.56 44.08
CA ILE D 231 12.53 2.70 44.34
C ILE D 231 11.24 2.44 43.58
N GLU D 232 10.16 3.13 43.96
CA GLU D 232 8.91 2.96 43.24
C GLU D 232 8.14 4.26 43.10
N ILE D 233 7.44 4.39 41.97
CA ILE D 233 6.63 5.57 41.72
C ILE D 233 5.20 5.06 41.65
N LYS D 234 4.48 5.23 42.76
CA LYS D 234 3.11 4.77 42.84
C LYS D 234 2.20 5.54 41.90
N GLY D 235 1.26 4.82 41.28
CA GLY D 235 0.32 5.44 40.37
C GLY D 235 0.86 5.71 38.99
N ALA D 236 2.08 5.26 38.71
CA ALA D 236 2.69 5.47 37.39
C ALA D 236 2.55 4.28 36.45
N ASP D 237 2.25 4.56 35.18
CA ASP D 237 2.15 3.48 34.23
C ASP D 237 3.52 3.27 33.62
N HIS D 238 3.57 2.58 32.48
CA HIS D 238 4.85 2.33 31.85
C HIS D 238 5.57 3.62 31.50
N MSE D 239 4.82 4.66 31.12
CA MSE D 239 5.42 5.93 30.75
C MSE D 239 5.51 6.93 31.92
O MSE D 239 4.89 7.98 31.89
CB MSE D 239 4.63 6.57 29.60
CG MSE D 239 4.29 5.61 28.46
SE MSE D 239 5.80 4.62 27.75
CE MSE D 239 6.85 6.13 27.06
N ALA D 240 6.30 6.59 32.94
CA ALA D 240 6.45 7.42 34.12
C ALA D 240 6.95 8.86 33.84
N MSE D 241 7.84 9.01 32.87
CA MSE D 241 8.38 10.33 32.54
C MSE D 241 7.30 11.22 31.90
O MSE D 241 7.54 12.41 31.68
CB MSE D 241 9.58 10.22 31.62
CG MSE D 241 9.26 9.90 30.17
SE MSE D 241 8.71 8.07 29.89
CE MSE D 241 10.46 7.27 29.99
N LEU D 242 6.14 10.64 31.61
CA LEU D 242 5.05 11.39 31.02
C LEU D 242 3.90 11.62 32.00
N CYS D 243 3.52 10.58 32.75
CA CYS D 243 2.41 10.73 33.69
C CYS D 243 2.84 11.23 35.07
N GLU D 244 4.12 11.06 35.39
CA GLU D 244 4.65 11.49 36.69
C GLU D 244 6.06 12.04 36.56
N PRO D 245 6.28 13.01 35.67
CA PRO D 245 7.62 13.58 35.50
C PRO D 245 8.25 14.18 36.76
N GLN D 246 7.47 14.89 37.56
CA GLN D 246 8.03 15.50 38.76
C GLN D 246 8.45 14.45 39.79
N LYS D 247 7.65 13.40 39.97
CA LYS D 247 8.02 12.35 40.91
C LYS D 247 9.32 11.71 40.40
N LEU D 248 9.36 11.37 39.11
CA LEU D 248 10.56 10.76 38.55
C LEU D 248 11.78 11.64 38.74
N CYS D 249 11.62 12.95 38.51
CA CYS D 249 12.73 13.87 38.67
C CYS D 249 13.27 13.81 40.10
N ALA D 250 12.37 13.88 41.08
CA ALA D 250 12.75 13.84 42.50
C ALA D 250 13.54 12.57 42.81
N SER D 251 13.04 11.44 42.33
CA SER D 251 13.72 10.16 42.54
C SER D 251 15.13 10.22 41.96
N LEU D 252 15.24 10.66 40.70
CA LEU D 252 16.54 10.75 40.03
C LEU D 252 17.53 11.65 40.75
N LEU D 253 17.06 12.79 41.24
CA LEU D 253 17.90 13.73 41.95
C LEU D 253 18.37 13.10 43.26
N GLU D 254 17.50 12.30 43.87
CA GLU D 254 17.88 11.64 45.12
C GLU D 254 18.99 10.62 44.82
N ILE D 255 18.87 9.92 43.68
CA ILE D 255 19.86 8.93 43.27
C ILE D 255 21.19 9.64 43.05
N ALA D 256 21.13 10.78 42.38
CA ALA D 256 22.34 11.56 42.09
C ALA D 256 23.06 12.02 43.35
N HIS D 257 22.29 12.40 44.37
CA HIS D 257 22.87 12.87 45.62
C HIS D 257 23.48 11.73 46.42
N LYS D 258 22.78 10.60 46.42
CA LYS D 258 23.23 9.43 47.16
C LYS D 258 24.44 8.75 46.51
N TYR D 259 24.29 8.35 45.24
CA TYR D 259 25.41 7.70 44.57
C TYR D 259 26.44 8.71 44.05
N ASN D 260 27.06 9.44 44.96
CA ASN D 260 28.06 10.44 44.61
C ASN D 260 29.46 9.86 44.44
C8 STH E . -8.05 -29.04 -9.26
O8 STH E . -8.95 -29.25 -8.27
C1 STH E . -6.66 -29.59 -9.20
C2 STH E . -5.71 -29.32 -10.32
C3 STH E . -4.39 -29.84 -10.24
C4 STH E . -3.97 -30.61 -9.11
C5 STH E . -4.88 -30.86 -8.03
C6 STH E . -6.19 -30.35 -8.07
C7 STH E . -7.48 -28.36 -11.69
O2 STH E . -6.09 -28.58 -11.46
N7 STH E . -7.60 -27.20 -12.44
S7 STH E . -8.45 -28.30 -10.39
C8 STH F . -10.15 3.05 -24.27
O8 STH F . -10.47 4.06 -23.41
C1 STH F . -10.67 3.02 -25.66
C2 STH F . -10.29 1.91 -26.56
C3 STH F . -10.80 1.88 -27.89
C4 STH F . -11.66 2.92 -28.35
C5 STH F . -12.04 4.01 -27.50
C6 STH F . -11.55 4.05 -26.17
C7 STH F . -8.68 1.04 -24.95
O2 STH F . -9.44 0.87 -26.14
N7 STH F . -8.44 -0.22 -24.40
S7 STH F . -9.29 2.02 -23.82
C8 STH G . 8.12 28.78 8.25
O8 STH G . 8.35 28.70 6.92
C1 STH G . 8.60 29.93 9.07
C2 STH G . 8.31 29.97 10.53
C3 STH G . 8.77 31.08 11.31
C4 STH G . 9.46 32.16 10.68
C5 STH G . 9.74 32.15 9.27
C6 STH G . 9.30 31.06 8.48
C7 STH G . 6.90 27.99 10.39
O2 STH G . 7.63 28.91 11.18
N7 STH G . 6.83 26.79 11.09
S7 STH G . 7.42 27.72 8.90
C8 STH H . 10.12 -2.65 25.12
O8 STH H . 11.06 -3.52 24.60
C1 STH H . 8.80 -3.12 25.61
C2 STH H . 7.83 -2.14 26.16
C3 STH H . 6.56 -2.60 26.63
C4 STH H . 6.23 -3.98 26.56
C5 STH H . 7.15 -4.94 26.04
C6 STH H . 8.41 -4.52 25.56
C7 STH H . 9.48 -0.34 26.09
O2 STH H . 8.13 -0.76 26.22
N7 STH H . 9.47 0.95 25.60
S7 STH H . 10.45 -1.28 25.19
#